data_3ZN1
#
_entry.id   3ZN1
#
_cell.length_a   120.230
_cell.length_b   181.060
_cell.length_c   232.930
_cell.angle_alpha   90.00
_cell.angle_beta   90.00
_cell.angle_gamma   90.00
#
_symmetry.space_group_name_H-M   'I 2 2 2'
#
loop_
_entity.id
_entity.type
_entity.pdbx_description
1 polymer 'LYSINE-SPECIFIC HISTONE DEMETHYLASE 1A'
2 polymer 'REST COREPRESSOR 1'
3 polymer PEPTIDE
4 non-polymer 'FLAVIN-ADENINE DINUCLEOTIDE'
#
loop_
_entity_poly.entity_id
_entity_poly.type
_entity_poly.pdbx_seq_one_letter_code
_entity_poly.pdbx_strand_id
1 'polypeptide(L)'
;MLSGKKAAAAAAAAAAAATGTEAGPGTAGGSENGSEVAAQPAGLSGPAEVGPGAVGERTPRKKEPPRASPPGGLAEPPGS
AGPQAGPTVVPGSATPMETGIAETPEGRRTSRRKRAKVEYREMDESLANLSEDEYYSEEERNAKAEKEKKLPPPPPQAPP
EEENESEPEEPSGQAGGLQDDSSGGYGDGQPSGVEGAAFQSRLPHDRMTSQEAACFPDIISGPQQTQKVFLFIRNRTLQL
WLDNPKIQLTFEATLQQLEAPYNSDTVLVHRVHSYLERHGLINFGIYKRIKPLPTKKTGKVIIIGSGVSGLAAARQLQSF
GMDVTLLEARDRVGGRVATFRKGNYVADLGAMVVTGLGGNPMAVVSKQVNMELAKIKQKCPLYEANGQAVPKEKDEMVEQ
EFNRLLEATSYLSHQLDFNVLNNKPVSLGQALEVVIQLQEKHVKDEQIEHWKKIVKTQEELKELLNKMVNLKEKIKELHQ
QYKEASEVKPPRDITAEFLVKSKHRDLTALCKEYDELAETQGKLEEKLQELEANPPSDVYLSSRDRQILDWHFANLEFAN
ATPLSTLSLKHWDQDDDFEFTGSHLTVRNGYSCVPVALAEGLDIKLNTAVRQVRYTASGCEVIAVNTRSTSQTFIYKCDA
VLCTLPLGVLKQQPPAVQFVPPLPEWKTSAVQRMGFGNLNKVVLCFDRVFWDPSVNLFGHVGSTTASRGELFLFWNLYKA
PILLALVAGEAAGIMENISDDVIVGRCLAILKGIFGSSAVPQPKETVVSRWRADPWARGSYSYVAAGSSGNDYDLMAQPI
TPGPSIPGAPQPIPRLFFAGEHTIRNYPATVHGALLSGLREAGRIADQFLGAMYTLPRQATPGVPAQQSPSM
;
A
2 'polypeptide(L)'
;MVEKGPEVSGKRRGRNNAAASASAAAASAAASAACASPAATAASGAAASSASAAAASAAAAPNNGQNKSLAAAAPNGNSS
SNSWEEGSSGSSSDEEHGGGGMRVGPQYQAVVPDFDPAKLARRSQERDNLGMLVWSPNQNLSEAKLDEYIAIAKEKHGYN
MEQALGMLFWHKHNIEKSLADLPNFTPFPDEWTVEDKVLFEQAFSFHGKTFHRIQQMLPDKSIASLVKFYYSWKKTRTKT
SVMDRHARKQKREREESEDELEEANGNNPIDIEVDQNKESKKEVPPTETVPQVKKEKHSTQAKNRAKRKPPKGMFLSQED
VEAVSANATAATTVLRQLDMELVSVKRQIQNIKQTNSALKEKLDGGIEPYRLPEVIQKCNARWTTEEQLLAVQAIRKYGR
DFQAISDVIGNKSVVQVKNFFVNYRRRFNIDEVLQEWEAEHGKEETNGPSNQKPVKSPDNSIKMPEEEDEAPVLDVRYAS
AS
;
B
3 'polypeptide(L)' PRLYLV C
#
loop_
_chem_comp.id
_chem_comp.type
_chem_comp.name
_chem_comp.formula
FAD non-polymer 'FLAVIN-ADENINE DINUCLEOTIDE' 'C27 H33 N9 O15 P2'
#
# COMPACT_ATOMS: atom_id res chain seq x y z
N PRO A 191 -17.34 16.63 14.52
CA PRO A 191 -17.85 17.96 14.85
C PRO A 191 -19.32 17.92 15.32
N SER A 192 -19.81 19.03 15.88
CA SER A 192 -21.20 19.16 16.33
C SER A 192 -21.72 20.60 16.24
N GLY A 193 -23.04 20.73 16.31
CA GLY A 193 -23.72 22.03 16.20
C GLY A 193 -24.08 22.37 14.77
N VAL A 194 -23.96 23.66 14.43
CA VAL A 194 -24.21 24.13 13.08
C VAL A 194 -23.12 23.67 12.11
N GLU A 195 -21.86 23.72 12.55
CA GLU A 195 -20.72 23.35 11.73
C GLU A 195 -20.66 21.84 11.46
N GLY A 196 -21.25 21.06 12.37
CA GLY A 196 -21.28 19.61 12.26
C GLY A 196 -22.23 19.14 11.18
N ALA A 197 -23.31 19.89 11.01
CA ALA A 197 -24.30 19.62 9.96
C ALA A 197 -23.68 19.73 8.57
N ALA A 198 -22.85 20.75 8.38
CA ALA A 198 -22.15 20.97 7.12
C ALA A 198 -21.21 19.80 6.80
N PHE A 199 -20.50 19.33 7.82
CA PHE A 199 -19.63 18.16 7.69
C PHE A 199 -20.43 16.91 7.34
N GLN A 200 -21.52 16.68 8.07
CA GLN A 200 -22.41 15.55 7.83
C GLN A 200 -23.02 15.61 6.42
N SER A 201 -23.11 16.82 5.86
CA SER A 201 -23.64 17.00 4.51
C SER A 201 -22.52 17.15 3.47
N ARG A 202 -21.31 16.72 3.84
CA ARG A 202 -20.15 16.71 2.93
C ARG A 202 -19.75 18.10 2.41
N LEU A 203 -20.06 19.14 3.18
CA LEU A 203 -19.75 20.53 2.81
C LEU A 203 -18.85 21.21 3.84
N PRO A 204 -17.89 22.03 3.37
CA PRO A 204 -17.09 22.86 4.27
C PRO A 204 -17.93 23.95 4.92
N HIS A 205 -17.93 24.00 6.26
CA HIS A 205 -18.82 24.89 7.02
C HIS A 205 -18.54 26.36 6.85
N ASP A 206 -17.31 26.68 6.46
CA ASP A 206 -16.85 28.07 6.44
C ASP A 206 -16.43 28.53 5.03
N ARG A 207 -16.91 27.83 4.01
CA ARG A 207 -16.56 28.15 2.63
C ARG A 207 -17.68 27.76 1.69
N MET A 208 -17.92 28.60 0.68
CA MET A 208 -18.94 28.34 -0.33
C MET A 208 -18.40 27.38 -1.39
N THR A 209 -19.19 26.36 -1.72
CA THR A 209 -18.78 25.34 -2.70
C THR A 209 -18.83 25.88 -4.13
N SER A 210 -18.32 25.08 -5.08
CA SER A 210 -18.38 25.43 -6.50
C SER A 210 -19.81 25.45 -7.01
N GLN A 211 -20.62 24.50 -6.55
CA GLN A 211 -22.05 24.44 -6.89
C GLN A 211 -22.83 25.63 -6.32
N GLU A 212 -22.49 26.02 -5.09
CA GLU A 212 -23.07 27.20 -4.47
C GLU A 212 -22.71 28.47 -5.22
N ALA A 213 -21.45 28.58 -5.65
CA ALA A 213 -20.99 29.72 -6.45
C ALA A 213 -21.79 29.86 -7.74
N ALA A 214 -22.19 28.73 -8.31
CA ALA A 214 -23.00 28.75 -9.53
C ALA A 214 -24.40 29.31 -9.30
N CYS A 215 -25.02 28.94 -8.19
CA CYS A 215 -26.39 29.34 -7.87
C CYS A 215 -26.49 30.69 -7.14
N PHE A 216 -25.42 31.09 -6.47
CA PHE A 216 -25.42 32.33 -5.69
C PHE A 216 -24.23 33.20 -6.09
N PRO A 217 -24.07 33.50 -7.40
CA PRO A 217 -22.88 34.21 -7.87
C PRO A 217 -22.81 35.65 -7.36
N ASP A 218 -23.96 36.18 -6.96
CA ASP A 218 -24.07 37.50 -6.35
C ASP A 218 -23.39 37.53 -4.99
N ILE A 219 -23.58 36.46 -4.21
CA ILE A 219 -23.06 36.39 -2.85
C ILE A 219 -21.56 36.14 -2.82
N ILE A 220 -21.11 35.12 -3.54
CA ILE A 220 -19.70 34.72 -3.52
C ILE A 220 -18.77 35.80 -4.09
N SER A 221 -19.24 36.55 -5.07
CA SER A 221 -18.47 37.67 -5.61
C SER A 221 -18.67 38.92 -4.75
N GLY A 222 -19.63 38.84 -3.83
CA GLY A 222 -19.96 39.97 -2.95
C GLY A 222 -19.06 40.10 -1.74
N PRO A 223 -19.54 40.81 -0.70
CA PRO A 223 -18.77 41.08 0.52
C PRO A 223 -18.76 39.93 1.52
N GLN A 224 -17.63 39.79 2.22
CA GLN A 224 -17.38 38.70 3.17
C GLN A 224 -18.49 38.51 4.20
N GLN A 225 -19.12 39.61 4.60
CA GLN A 225 -20.19 39.58 5.59
C GLN A 225 -21.38 38.76 5.09
N THR A 226 -21.81 39.06 3.87
CA THR A 226 -22.96 38.38 3.26
C THR A 226 -22.74 36.87 3.23
N GLN A 227 -21.54 36.48 2.82
CA GLN A 227 -21.17 35.08 2.68
C GLN A 227 -21.34 34.30 3.96
N LYS A 228 -20.84 34.86 5.07
CA LYS A 228 -20.95 34.23 6.38
C LYS A 228 -22.40 34.09 6.84
N VAL A 229 -23.23 35.06 6.46
CA VAL A 229 -24.67 34.98 6.70
C VAL A 229 -25.22 33.80 5.90
N PHE A 230 -24.89 33.78 4.61
CA PHE A 230 -25.32 32.71 3.72
C PHE A 230 -24.92 31.34 4.26
N LEU A 231 -23.64 31.21 4.60
CA LEU A 231 -23.09 29.96 5.11
C LEU A 231 -23.81 29.50 6.35
N PHE A 232 -24.09 30.43 7.26
CA PHE A 232 -24.87 30.11 8.46
C PHE A 232 -26.26 29.60 8.08
N ILE A 233 -26.95 30.36 7.23
CA ILE A 233 -28.31 30.00 6.82
C ILE A 233 -28.30 28.58 6.25
N ARG A 234 -27.37 28.33 5.33
CA ARG A 234 -27.15 27.00 4.76
C ARG A 234 -26.99 25.97 5.87
N ASN A 235 -25.98 26.16 6.70
CA ASN A 235 -25.64 25.23 7.78
C ASN A 235 -26.78 25.01 8.77
N ARG A 236 -27.45 26.10 9.16
CA ARG A 236 -28.54 26.03 10.12
C ARG A 236 -29.71 25.23 9.55
N THR A 237 -30.04 25.48 8.29
CA THR A 237 -31.12 24.74 7.61
C THR A 237 -30.80 23.25 7.57
N LEU A 238 -29.56 22.93 7.20
CA LEU A 238 -29.10 21.55 7.16
C LEU A 238 -29.29 20.89 8.52
N GLN A 239 -28.79 21.57 9.56
CA GLN A 239 -28.92 21.11 10.93
C GLN A 239 -30.37 20.73 11.25
N LEU A 240 -31.29 21.63 10.91
CA LEU A 240 -32.71 21.41 11.14
C LEU A 240 -33.22 20.12 10.50
N TRP A 241 -32.91 19.94 9.22
CA TRP A 241 -33.30 18.75 8.47
C TRP A 241 -32.69 17.51 9.06
N LEU A 242 -31.41 17.62 9.43
CA LEU A 242 -30.68 16.49 9.99
C LEU A 242 -31.23 16.05 11.34
N ASP A 243 -31.43 17.01 12.23
CA ASP A 243 -31.92 16.74 13.59
C ASP A 243 -33.27 16.02 13.60
N ASN A 244 -33.99 16.11 12.49
CA ASN A 244 -35.21 15.35 12.30
C ASN A 244 -35.46 15.09 10.82
N PRO A 245 -34.96 13.97 10.30
CA PRO A 245 -35.08 13.66 8.88
C PRO A 245 -36.30 12.80 8.54
N LYS A 246 -37.19 12.57 9.51
CA LYS A 246 -38.39 11.79 9.25
C LYS A 246 -39.59 12.63 8.81
N ILE A 247 -39.43 13.96 8.82
CA ILE A 247 -40.46 14.88 8.34
C ILE A 247 -39.89 15.93 7.39
N GLN A 248 -40.69 16.34 6.39
CA GLN A 248 -40.28 17.35 5.43
C GLN A 248 -39.98 18.68 6.14
N LEU A 249 -38.91 19.34 5.70
CA LEU A 249 -38.60 20.67 6.20
C LEU A 249 -39.04 21.72 5.19
N THR A 250 -40.02 22.52 5.59
CA THR A 250 -40.59 23.56 4.73
C THR A 250 -39.89 24.89 4.94
N PHE A 251 -40.04 25.80 3.98
CA PHE A 251 -39.51 27.15 4.09
C PHE A 251 -40.09 27.88 5.30
N GLU A 252 -41.36 27.62 5.58
CA GLU A 252 -42.06 28.16 6.74
C GLU A 252 -41.36 27.74 8.03
N ALA A 253 -41.20 26.43 8.21
CA ALA A 253 -40.57 25.87 9.40
C ALA A 253 -39.12 26.33 9.56
N THR A 254 -38.45 26.58 8.44
CA THR A 254 -37.06 27.03 8.44
C THR A 254 -36.95 28.46 8.96
N LEU A 255 -37.73 29.36 8.36
CA LEU A 255 -37.74 30.77 8.73
C LEU A 255 -38.19 30.95 10.18
N GLN A 256 -39.18 30.15 10.57
CA GLN A 256 -39.67 30.08 11.94
C GLN A 256 -38.53 29.98 12.97
N GLN A 257 -37.59 29.08 12.71
CA GLN A 257 -36.52 28.80 13.67
C GLN A 257 -35.20 29.50 13.37
N LEU A 258 -35.27 30.62 12.65
CA LEU A 258 -34.08 31.44 12.40
C LEU A 258 -34.04 32.68 13.29
N GLU A 259 -32.82 33.18 13.54
CA GLU A 259 -32.60 34.34 14.39
C GLU A 259 -32.31 35.61 13.59
N ALA A 260 -32.31 36.76 14.26
CA ALA A 260 -31.82 37.99 13.67
C ALA A 260 -30.30 38.00 13.74
N PRO A 261 -29.62 38.59 12.73
CA PRO A 261 -30.16 39.23 11.53
C PRO A 261 -30.45 38.26 10.38
N TYR A 262 -30.29 36.96 10.64
CA TYR A 262 -30.39 35.93 9.60
C TYR A 262 -31.79 35.76 9.02
N ASN A 263 -32.82 36.02 9.84
CA ASN A 263 -34.21 35.89 9.38
C ASN A 263 -34.81 37.18 8.80
N SER A 264 -34.00 38.23 8.72
CA SER A 264 -34.45 39.51 8.18
C SER A 264 -34.66 39.46 6.67
N ASP A 265 -33.65 38.98 5.95
CA ASP A 265 -33.74 38.80 4.50
C ASP A 265 -34.39 37.44 4.20
N THR A 266 -35.65 37.48 3.77
CA THR A 266 -36.40 36.24 3.56
C THR A 266 -36.23 35.67 2.15
N VAL A 267 -35.86 36.52 1.19
CA VAL A 267 -35.57 36.03 -0.16
C VAL A 267 -34.24 35.28 -0.21
N LEU A 268 -33.34 35.59 0.72
CA LEU A 268 -32.10 34.84 0.86
C LEU A 268 -32.39 33.46 1.43
N VAL A 269 -33.16 33.43 2.52
CA VAL A 269 -33.56 32.18 3.17
C VAL A 269 -34.29 31.27 2.19
N HIS A 270 -35.13 31.86 1.34
CA HIS A 270 -35.89 31.08 0.37
C HIS A 270 -35.02 30.51 -0.71
N ARG A 271 -34.09 31.33 -1.22
CA ARG A 271 -33.09 30.88 -2.21
C ARG A 271 -32.26 29.71 -1.68
N VAL A 272 -31.84 29.82 -0.42
CA VAL A 272 -31.09 28.77 0.26
C VAL A 272 -31.93 27.50 0.40
N HIS A 273 -33.12 27.62 1.01
CA HIS A 273 -33.97 26.46 1.24
C HIS A 273 -34.26 25.71 -0.02
N SER A 274 -34.53 26.44 -1.10
CA SER A 274 -34.85 25.84 -2.39
C SER A 274 -33.65 25.10 -2.98
N TYR A 275 -32.50 25.78 -3.01
CA TYR A 275 -31.24 25.19 -3.48
C TYR A 275 -30.97 23.86 -2.81
N LEU A 276 -31.07 23.84 -1.49
CA LEU A 276 -30.83 22.64 -0.70
C LEU A 276 -31.86 21.55 -1.03
N GLU A 277 -33.12 21.93 -1.17
CA GLU A 277 -34.17 20.98 -1.48
C GLU A 277 -34.02 20.41 -2.90
N ARG A 278 -33.51 21.25 -3.80
CA ARG A 278 -33.32 20.88 -5.20
C ARG A 278 -32.22 19.84 -5.36
N HIS A 279 -31.12 20.01 -4.62
CA HIS A 279 -30.00 19.09 -4.73
C HIS A 279 -29.99 18.01 -3.69
N GLY A 280 -31.15 17.75 -3.09
CA GLY A 280 -31.35 16.65 -2.17
C GLY A 280 -30.45 16.64 -0.94
N LEU A 281 -30.08 17.83 -0.48
CA LEU A 281 -29.33 17.97 0.76
C LEU A 281 -30.30 17.96 1.93
N ILE A 282 -31.51 18.45 1.67
CA ILE A 282 -32.62 18.34 2.61
C ILE A 282 -33.80 17.67 1.90
N ASN A 283 -34.67 17.04 2.68
CA ASN A 283 -35.88 16.36 2.17
C ASN A 283 -35.58 15.35 1.06
N PHE A 284 -34.82 14.33 1.42
CA PHE A 284 -34.53 13.20 0.53
C PHE A 284 -34.75 11.88 1.27
N GLY A 285 -35.12 10.85 0.53
CA GLY A 285 -35.37 9.53 1.09
C GLY A 285 -36.83 9.31 1.39
N ILE A 286 -37.12 8.84 2.60
CA ILE A 286 -38.49 8.58 3.04
C ILE A 286 -38.84 9.47 4.22
N TYR A 287 -39.71 10.45 3.96
CA TYR A 287 -40.13 11.42 4.97
C TYR A 287 -41.59 11.76 4.78
N LYS A 288 -42.25 12.15 5.86
CA LYS A 288 -43.65 12.55 5.81
C LYS A 288 -43.79 13.97 5.26
N ARG A 289 -44.56 14.09 4.17
CA ARG A 289 -44.75 15.36 3.50
C ARG A 289 -45.81 16.18 4.21
N ILE A 290 -45.48 17.43 4.54
CA ILE A 290 -46.43 18.34 5.17
C ILE A 290 -47.48 18.78 4.15
N LYS A 291 -47.02 19.30 3.01
CA LYS A 291 -47.90 19.68 1.91
C LYS A 291 -48.04 18.51 0.93
N PRO A 292 -49.21 17.82 0.94
CA PRO A 292 -49.41 16.72 -0.01
C PRO A 292 -49.11 17.10 -1.46
N LEU A 293 -48.63 16.12 -2.24
CA LEU A 293 -48.12 16.33 -3.59
C LEU A 293 -49.02 17.19 -4.49
N PRO A 294 -48.41 18.02 -5.37
CA PRO A 294 -49.12 18.90 -6.30
C PRO A 294 -50.24 18.21 -7.08
N THR A 295 -51.31 18.97 -7.35
CA THR A 295 -52.51 18.45 -8.02
C THR A 295 -52.21 17.59 -9.25
N LYS A 296 -51.46 18.14 -10.19
CA LYS A 296 -51.06 17.42 -11.40
C LYS A 296 -49.59 17.65 -11.74
N LYS A 297 -49.03 16.71 -12.50
CA LYS A 297 -47.60 16.63 -12.74
C LYS A 297 -47.13 17.51 -13.91
N THR A 298 -45.82 17.69 -14.01
CA THR A 298 -45.20 18.49 -15.07
C THR A 298 -44.00 17.73 -15.60
N GLY A 299 -43.99 17.47 -16.90
CA GLY A 299 -42.88 16.74 -17.54
C GLY A 299 -42.92 15.25 -17.28
N LYS A 300 -42.37 14.48 -18.22
CA LYS A 300 -42.38 13.01 -18.13
C LYS A 300 -40.97 12.43 -18.26
N VAL A 301 -40.55 11.67 -17.25
CA VAL A 301 -39.22 11.07 -17.21
C VAL A 301 -39.27 9.55 -17.06
N ILE A 302 -38.62 8.86 -18.00
CA ILE A 302 -38.41 7.43 -17.91
C ILE A 302 -37.04 7.15 -17.30
N ILE A 303 -37.04 6.41 -16.20
CA ILE A 303 -35.82 6.01 -15.52
C ILE A 303 -35.50 4.55 -15.80
N ILE A 304 -34.33 4.31 -16.39
CA ILE A 304 -33.89 2.95 -16.68
C ILE A 304 -33.19 2.37 -15.45
N GLY A 305 -33.78 1.29 -14.93
CA GLY A 305 -33.24 0.57 -13.79
C GLY A 305 -33.70 1.13 -12.46
N SER A 306 -34.11 0.23 -11.56
CA SER A 306 -34.54 0.62 -10.22
C SER A 306 -33.50 0.20 -9.17
N GLY A 307 -32.23 0.37 -9.50
CA GLY A 307 -31.15 0.30 -8.51
C GLY A 307 -31.29 1.47 -7.57
N VAL A 308 -30.43 1.55 -6.56
CA VAL A 308 -30.55 2.63 -5.58
C VAL A 308 -30.48 4.02 -6.23
N SER A 309 -29.53 4.20 -7.15
CA SER A 309 -29.42 5.48 -7.86
C SER A 309 -30.74 5.82 -8.56
N GLY A 310 -31.31 4.86 -9.27
CA GLY A 310 -32.60 5.02 -9.93
C GLY A 310 -33.69 5.44 -8.97
N LEU A 311 -33.88 4.65 -7.91
CA LEU A 311 -34.91 4.89 -6.91
C LEU A 311 -34.75 6.26 -6.26
N ALA A 312 -33.51 6.59 -5.89
CA ALA A 312 -33.20 7.88 -5.28
C ALA A 312 -33.69 9.01 -6.17
N ALA A 313 -33.29 8.96 -7.44
CA ALA A 313 -33.64 9.98 -8.42
C ALA A 313 -35.15 10.04 -8.64
N ALA A 314 -35.77 8.87 -8.79
CA ALA A 314 -37.23 8.77 -8.94
C ALA A 314 -37.98 9.47 -7.81
N ARG A 315 -37.65 9.11 -6.57
CA ARG A 315 -38.30 9.71 -5.41
C ARG A 315 -38.19 11.22 -5.42
N GLN A 316 -37.05 11.72 -5.88
CA GLN A 316 -36.80 13.15 -5.95
C GLN A 316 -37.68 13.81 -6.99
N LEU A 317 -37.65 13.28 -8.21
CA LEU A 317 -38.39 13.85 -9.33
C LEU A 317 -39.88 13.89 -9.05
N GLN A 318 -40.40 12.81 -8.45
CA GLN A 318 -41.79 12.77 -8.01
C GLN A 318 -42.05 13.81 -6.93
N SER A 319 -41.09 14.02 -6.03
CA SER A 319 -41.19 15.06 -5.00
C SER A 319 -41.18 16.45 -5.61
N PHE A 320 -40.58 16.58 -6.79
CA PHE A 320 -40.56 17.85 -7.51
C PHE A 320 -41.80 17.98 -8.39
N GLY A 321 -42.65 16.97 -8.37
CA GLY A 321 -43.90 16.95 -9.12
C GLY A 321 -43.70 16.71 -10.60
N MET A 322 -43.03 15.61 -10.94
CA MET A 322 -42.87 15.18 -12.33
C MET A 322 -43.45 13.79 -12.49
N ASP A 323 -43.76 13.42 -13.74
CA ASP A 323 -44.24 12.08 -14.01
C ASP A 323 -43.04 11.16 -14.22
N VAL A 324 -42.91 10.18 -13.32
CA VAL A 324 -41.74 9.32 -13.30
C VAL A 324 -42.14 7.85 -13.38
N THR A 325 -41.53 7.13 -14.32
CA THR A 325 -41.69 5.68 -14.40
C THR A 325 -40.33 5.00 -14.57
N LEU A 326 -40.06 4.04 -13.68
CA LEU A 326 -38.84 3.26 -13.69
C LEU A 326 -39.05 1.94 -14.43
N LEU A 327 -38.04 1.52 -15.19
CA LEU A 327 -38.07 0.27 -15.93
C LEU A 327 -37.01 -0.69 -15.43
N GLU A 328 -37.46 -1.73 -14.72
CA GLU A 328 -36.55 -2.71 -14.14
C GLU A 328 -36.61 -4.02 -14.91
N ALA A 329 -35.44 -4.48 -15.36
CA ALA A 329 -35.33 -5.77 -16.05
C ALA A 329 -35.56 -6.95 -15.11
N ARG A 330 -35.14 -6.79 -13.86
CA ARG A 330 -35.33 -7.82 -12.83
C ARG A 330 -36.76 -7.86 -12.32
N ASP A 331 -37.03 -8.83 -11.44
CA ASP A 331 -38.34 -8.99 -10.81
C ASP A 331 -38.33 -8.40 -9.39
N ARG A 332 -37.31 -7.60 -9.11
CA ARG A 332 -37.15 -6.94 -7.81
C ARG A 332 -36.39 -5.64 -7.95
N VAL A 333 -36.60 -4.73 -6.99
CA VAL A 333 -35.81 -3.51 -6.91
C VAL A 333 -34.42 -3.77 -6.31
N GLY A 334 -33.58 -2.73 -6.25
CA GLY A 334 -32.29 -2.82 -5.55
C GLY A 334 -31.09 -3.07 -6.43
N GLY A 335 -31.30 -3.80 -7.53
CA GLY A 335 -30.21 -4.13 -8.44
C GLY A 335 -29.09 -4.85 -7.71
N ARG A 336 -27.94 -4.17 -7.63
CA ARG A 336 -26.75 -4.71 -6.96
C ARG A 336 -26.88 -4.73 -5.44
N VAL A 337 -28.05 -4.37 -4.92
CA VAL A 337 -28.36 -4.58 -3.52
C VAL A 337 -29.27 -5.80 -3.45
N ALA A 338 -28.63 -6.97 -3.47
CA ALA A 338 -29.32 -8.25 -3.36
C ALA A 338 -29.23 -8.75 -1.93
N THR A 339 -30.32 -9.35 -1.46
CA THR A 339 -30.41 -9.89 -0.11
C THR A 339 -31.11 -11.24 -0.09
N PHE A 340 -30.34 -12.30 0.15
CA PHE A 340 -30.90 -13.65 0.26
C PHE A 340 -31.74 -13.77 1.53
N ARG A 341 -32.94 -14.34 1.37
CA ARG A 341 -33.85 -14.61 2.48
C ARG A 341 -34.50 -15.98 2.35
N LYS A 342 -34.41 -16.75 3.44
CA LYS A 342 -35.07 -18.05 3.57
C LYS A 342 -35.18 -18.38 5.05
N GLY A 343 -36.42 -18.62 5.49
CA GLY A 343 -36.71 -18.88 6.90
C GLY A 343 -36.30 -17.70 7.77
N ASN A 344 -35.22 -17.87 8.52
CA ASN A 344 -34.67 -16.82 9.35
C ASN A 344 -33.28 -16.40 8.89
N TYR A 345 -32.80 -17.07 7.84
CA TYR A 345 -31.51 -16.75 7.26
C TYR A 345 -31.61 -15.48 6.42
N VAL A 346 -30.68 -14.55 6.64
CA VAL A 346 -30.63 -13.28 5.93
C VAL A 346 -29.17 -12.96 5.60
N ALA A 347 -28.84 -12.87 4.31
CA ALA A 347 -27.47 -12.58 3.89
C ALA A 347 -27.39 -11.81 2.57
N ASP A 348 -26.63 -10.72 2.57
CA ASP A 348 -26.47 -9.88 1.39
C ASP A 348 -25.48 -10.43 0.37
N LEU A 349 -25.97 -10.70 -0.83
CA LEU A 349 -25.13 -11.17 -1.92
C LEU A 349 -24.49 -10.01 -2.69
N GLY A 350 -24.99 -8.81 -2.43
CA GLY A 350 -24.44 -7.58 -3.01
C GLY A 350 -23.94 -6.68 -1.90
N ALA A 351 -24.39 -5.44 -1.91
CA ALA A 351 -24.00 -4.47 -0.87
C ALA A 351 -24.30 -5.02 0.53
N MET A 352 -23.41 -4.74 1.47
CA MET A 352 -23.46 -5.34 2.79
C MET A 352 -23.05 -4.38 3.91
N VAL A 353 -22.06 -3.54 3.61
CA VAL A 353 -21.43 -2.70 4.62
C VAL A 353 -21.72 -1.21 4.43
N VAL A 354 -22.18 -0.57 5.50
CA VAL A 354 -22.32 0.89 5.52
C VAL A 354 -20.97 1.44 5.96
N THR A 355 -20.25 2.09 5.05
CA THR A 355 -18.86 2.46 5.30
C THR A 355 -18.71 3.74 6.13
N GLY A 356 -19.22 3.70 7.36
CA GLY A 356 -19.08 4.81 8.31
C GLY A 356 -20.15 5.87 8.16
N LEU A 357 -20.72 6.30 9.27
CA LEU A 357 -21.83 7.26 9.26
C LEU A 357 -21.39 8.73 9.17
N GLY A 358 -20.09 8.98 9.35
CA GLY A 358 -19.56 10.35 9.41
C GLY A 358 -19.57 11.07 8.08
N GLY A 359 -20.71 11.69 7.76
CA GLY A 359 -20.88 12.39 6.49
C GLY A 359 -21.68 11.57 5.49
N ASN A 360 -22.02 10.35 5.89
CA ASN A 360 -22.76 9.44 5.04
C ASN A 360 -24.22 9.86 4.90
N PRO A 361 -24.71 10.02 3.66
CA PRO A 361 -26.13 10.26 3.46
C PRO A 361 -26.96 9.06 3.92
N MET A 362 -26.33 7.89 3.98
CA MET A 362 -27.00 6.69 4.45
C MET A 362 -27.32 6.76 5.93
N ALA A 363 -26.56 7.58 6.66
CA ALA A 363 -26.82 7.85 8.07
C ALA A 363 -28.19 8.47 8.25
N VAL A 364 -28.57 9.33 7.31
CA VAL A 364 -29.90 9.93 7.25
C VAL A 364 -30.93 8.85 6.96
N VAL A 365 -30.67 8.06 5.93
CA VAL A 365 -31.57 6.99 5.51
C VAL A 365 -31.84 5.98 6.64
N SER A 366 -30.79 5.65 7.37
CA SER A 366 -30.88 4.68 8.47
C SER A 366 -31.82 5.14 9.58
N LYS A 367 -31.97 6.46 9.73
CA LYS A 367 -32.92 7.01 10.67
C LYS A 367 -34.35 6.98 10.13
N GLN A 368 -34.47 6.97 8.80
CA GLN A 368 -35.78 6.95 8.15
C GLN A 368 -36.33 5.53 8.00
N VAL A 369 -35.42 4.57 7.90
CA VAL A 369 -35.79 3.17 7.70
C VAL A 369 -35.37 2.33 8.91
N ASN A 370 -36.13 1.28 9.18
CA ASN A 370 -35.76 0.31 10.22
C ASN A 370 -34.51 -0.49 9.80
N MET A 371 -33.35 0.12 9.97
CA MET A 371 -32.08 -0.53 9.68
C MET A 371 -31.39 -0.93 10.97
N GLU A 372 -31.12 -2.22 11.11
CA GLU A 372 -30.41 -2.73 12.26
C GLU A 372 -28.93 -2.69 11.95
N LEU A 373 -28.26 -1.63 12.41
CA LEU A 373 -26.85 -1.42 12.12
C LEU A 373 -25.93 -1.90 13.25
N ALA A 374 -25.05 -2.84 12.92
CA ALA A 374 -24.12 -3.42 13.88
C ALA A 374 -22.67 -3.21 13.43
N LYS A 375 -21.84 -2.75 14.35
CA LYS A 375 -20.43 -2.47 14.06
C LYS A 375 -19.65 -3.75 13.77
N ILE A 376 -18.63 -3.63 12.92
CA ILE A 376 -17.76 -4.74 12.58
C ILE A 376 -16.44 -4.59 13.34
N LYS A 377 -16.12 -5.61 14.14
CA LYS A 377 -14.87 -5.61 14.90
C LYS A 377 -13.69 -5.84 13.96
N GLN A 378 -12.70 -4.95 14.07
CA GLN A 378 -11.56 -4.89 13.15
C GLN A 378 -10.76 -6.18 13.01
N LYS A 379 -10.50 -6.85 14.13
CA LYS A 379 -9.56 -7.97 14.19
C LYS A 379 -9.90 -9.12 13.24
N CYS A 380 -8.87 -9.61 12.56
CA CYS A 380 -9.01 -10.66 11.56
C CYS A 380 -7.84 -11.65 11.61
N PRO A 381 -7.99 -12.74 12.39
CA PRO A 381 -6.96 -13.78 12.46
C PRO A 381 -6.85 -14.56 11.15
N LEU A 382 -5.62 -14.86 10.75
CA LEU A 382 -5.38 -15.60 9.51
C LEU A 382 -5.11 -17.08 9.76
N TYR A 383 -5.30 -17.90 8.73
CA TYR A 383 -5.10 -19.34 8.83
C TYR A 383 -4.48 -19.85 7.56
N GLU A 384 -3.29 -20.43 7.67
CA GLU A 384 -2.55 -20.91 6.51
C GLU A 384 -3.22 -22.14 5.87
N ALA A 385 -2.64 -22.60 4.77
CA ALA A 385 -3.15 -23.74 4.01
C ALA A 385 -3.38 -24.98 4.87
N ASN A 386 -2.48 -25.22 5.83
CA ASN A 386 -2.57 -26.34 6.77
C ASN A 386 -3.81 -26.28 7.67
N GLY A 387 -4.28 -25.07 7.95
CA GLY A 387 -5.43 -24.86 8.82
C GLY A 387 -5.03 -24.39 10.22
N GLN A 388 -3.81 -23.89 10.33
CA GLN A 388 -3.31 -23.41 11.62
C GLN A 388 -2.94 -21.94 11.58
N ALA A 389 -3.29 -21.23 12.66
CA ALA A 389 -3.17 -19.78 12.73
C ALA A 389 -1.75 -19.26 12.50
N VAL A 390 -1.67 -18.13 11.80
CA VAL A 390 -0.42 -17.40 11.62
C VAL A 390 -0.06 -16.73 12.94
N PRO A 391 1.16 -16.95 13.43
CA PRO A 391 1.63 -16.35 14.69
C PRO A 391 1.59 -14.82 14.66
N LYS A 392 1.25 -14.20 15.78
CA LYS A 392 1.18 -12.73 15.88
C LYS A 392 2.50 -12.04 15.57
N GLU A 393 3.61 -12.78 15.71
CA GLU A 393 4.94 -12.32 15.29
C GLU A 393 4.95 -12.06 13.78
N LYS A 394 4.63 -13.10 13.02
CA LYS A 394 4.54 -13.04 11.56
C LYS A 394 3.45 -12.07 11.10
N ASP A 395 2.22 -12.38 11.50
CA ASP A 395 1.04 -11.62 11.15
C ASP A 395 1.31 -10.12 11.17
N GLU A 396 1.68 -9.61 12.34
CA GLU A 396 1.89 -8.18 12.54
C GLU A 396 2.96 -7.57 11.63
N MET A 397 3.94 -8.38 11.24
CA MET A 397 5.08 -7.83 10.51
C MET A 397 5.16 -8.28 9.05
N VAL A 398 4.12 -8.96 8.59
CA VAL A 398 3.87 -9.13 7.17
C VAL A 398 2.91 -8.03 6.75
N GLU A 399 1.86 -7.85 7.55
CA GLU A 399 0.89 -6.77 7.39
C GLU A 399 1.60 -5.43 7.33
N GLN A 400 2.57 -5.23 8.22
CA GLN A 400 3.36 -4.00 8.23
C GLN A 400 4.07 -3.83 6.89
N GLU A 401 4.68 -4.91 6.41
CA GLU A 401 5.39 -4.88 5.14
C GLU A 401 4.45 -4.55 3.98
N PHE A 402 3.23 -5.08 4.05
CA PHE A 402 2.20 -4.80 3.06
C PHE A 402 1.93 -3.30 2.91
N ASN A 403 1.51 -2.67 4.01
CA ASN A 403 1.25 -1.22 4.04
C ASN A 403 2.45 -0.43 3.55
N ARG A 404 3.63 -0.88 3.96
CA ARG A 404 4.89 -0.27 3.58
C ARG A 404 5.13 -0.40 2.07
N LEU A 405 4.76 -1.54 1.51
CA LEU A 405 4.86 -1.76 0.05
C LEU A 405 3.89 -0.89 -0.73
N LEU A 406 2.69 -0.69 -0.18
CA LEU A 406 1.71 0.21 -0.78
C LEU A 406 2.24 1.63 -0.83
N GLU A 407 2.58 2.17 0.34
CA GLU A 407 3.16 3.52 0.43
C GLU A 407 4.32 3.69 -0.56
N ALA A 408 5.06 2.60 -0.76
CA ALA A 408 6.18 2.58 -1.69
C ALA A 408 5.74 2.85 -3.13
N THR A 409 4.66 2.19 -3.56
CA THR A 409 4.11 2.38 -4.90
C THR A 409 3.67 3.83 -5.11
N SER A 410 3.07 4.41 -4.07
CA SER A 410 2.67 5.82 -4.07
C SER A 410 3.87 6.73 -4.29
N TYR A 411 5.01 6.36 -3.69
CA TYR A 411 6.26 7.08 -3.87
C TYR A 411 6.76 6.96 -5.32
N LEU A 412 6.67 5.76 -5.90
CA LEU A 412 7.01 5.55 -7.30
C LEU A 412 6.15 6.42 -8.20
N SER A 413 4.87 6.51 -7.84
CA SER A 413 3.87 7.18 -8.64
C SER A 413 4.09 8.69 -8.66
N HIS A 414 4.15 9.30 -7.47
CA HIS A 414 4.15 10.75 -7.35
C HIS A 414 5.53 11.37 -7.34
N GLN A 415 6.40 10.84 -6.49
CA GLN A 415 7.74 11.40 -6.30
C GLN A 415 8.70 11.04 -7.42
N LEU A 416 8.67 9.79 -7.86
CA LEU A 416 9.54 9.31 -8.94
C LEU A 416 8.90 9.43 -10.32
N ASP A 417 7.58 9.61 -10.34
CA ASP A 417 6.77 9.64 -11.57
C ASP A 417 7.05 8.45 -12.51
N PHE A 418 6.86 7.26 -11.97
CA PHE A 418 6.96 6.03 -12.73
C PHE A 418 5.54 5.61 -13.11
N ASN A 419 5.03 6.19 -14.19
CA ASN A 419 3.63 6.01 -14.57
C ASN A 419 3.37 5.53 -15.99
N VAL A 420 4.39 5.61 -16.84
CA VAL A 420 4.31 5.07 -18.19
C VAL A 420 5.44 4.05 -18.40
N LEU A 421 5.13 2.94 -19.06
CA LEU A 421 6.13 1.92 -19.38
C LEU A 421 5.79 1.24 -20.70
N ASN A 422 6.64 1.45 -21.71
CA ASN A 422 6.41 1.00 -23.09
C ASN A 422 5.08 1.53 -23.63
N ASN A 423 4.84 2.81 -23.37
CA ASN A 423 3.60 3.50 -23.75
C ASN A 423 2.38 3.12 -22.91
N LYS A 424 2.32 1.86 -22.46
CA LYS A 424 1.24 1.39 -21.60
C LYS A 424 1.30 2.05 -20.22
N PRO A 425 0.13 2.33 -19.62
CA PRO A 425 0.12 2.89 -18.27
C PRO A 425 0.47 1.82 -17.23
N VAL A 426 1.21 2.21 -16.21
CA VAL A 426 1.64 1.28 -15.16
C VAL A 426 0.47 0.95 -14.24
N SER A 427 0.26 -0.34 -14.01
CA SER A 427 -0.74 -0.80 -13.07
C SER A 427 -0.15 -0.84 -11.67
N LEU A 428 -1.01 -0.96 -10.66
CA LEU A 428 -0.58 -1.14 -9.28
C LEU A 428 0.18 -2.46 -9.11
N GLY A 429 -0.32 -3.52 -9.75
CA GLY A 429 0.34 -4.82 -9.77
C GLY A 429 1.77 -4.74 -10.27
N GLN A 430 1.95 -4.17 -11.46
CA GLN A 430 3.28 -3.88 -12.02
C GLN A 430 4.18 -3.17 -11.02
N ALA A 431 3.64 -2.12 -10.40
CA ALA A 431 4.36 -1.28 -9.46
C ALA A 431 4.79 -2.03 -8.21
N LEU A 432 3.88 -2.85 -7.66
CA LEU A 432 4.19 -3.67 -6.49
C LEU A 432 5.31 -4.66 -6.80
N GLU A 433 5.23 -5.31 -7.96
CA GLU A 433 6.24 -6.23 -8.43
C GLU A 433 7.61 -5.55 -8.43
N VAL A 434 7.67 -4.39 -9.09
CA VAL A 434 8.89 -3.59 -9.19
C VAL A 434 9.44 -3.23 -7.81
N VAL A 435 8.56 -2.85 -6.88
CA VAL A 435 8.99 -2.53 -5.53
C VAL A 435 9.59 -3.76 -4.84
N ILE A 436 8.88 -4.89 -4.90
CA ILE A 436 9.36 -6.14 -4.29
C ILE A 436 10.73 -6.53 -4.85
N GLN A 437 10.89 -6.43 -6.17
CA GLN A 437 12.16 -6.73 -6.83
C GLN A 437 13.28 -5.83 -6.32
N LEU A 438 13.01 -4.54 -6.20
CA LEU A 438 13.99 -3.60 -5.64
C LEU A 438 14.27 -3.87 -4.17
N GLN A 439 13.32 -4.49 -3.48
CA GLN A 439 13.52 -4.87 -2.07
C GLN A 439 14.35 -6.13 -1.96
N GLU A 440 14.17 -7.05 -2.91
CA GLU A 440 15.00 -8.26 -2.99
C GLU A 440 16.42 -7.89 -3.41
N LYS A 441 16.54 -6.96 -4.34
CA LYS A 441 17.83 -6.47 -4.82
C LYS A 441 18.66 -5.87 -3.68
N HIS A 442 18.01 -5.08 -2.84
CA HIS A 442 18.67 -4.48 -1.68
C HIS A 442 19.14 -5.51 -0.70
N VAL A 443 18.30 -6.52 -0.41
CA VAL A 443 18.67 -7.62 0.47
C VAL A 443 19.97 -8.28 0.01
N LYS A 444 20.10 -8.47 -1.29
CA LYS A 444 21.31 -9.04 -1.90
C LYS A 444 22.50 -8.07 -1.86
N ASP A 445 22.25 -6.80 -2.15
CA ASP A 445 23.28 -5.76 -2.08
C ASP A 445 23.91 -5.64 -0.69
N GLU A 446 23.09 -5.81 0.34
CA GLU A 446 23.54 -5.81 1.73
C GLU A 446 24.50 -6.96 1.99
N GLN A 447 24.10 -8.15 1.58
CA GLN A 447 24.92 -9.34 1.76
C GLN A 447 26.26 -9.20 1.03
N ILE A 448 26.21 -8.79 -0.23
CA ILE A 448 27.41 -8.65 -1.05
C ILE A 448 28.44 -7.73 -0.42
N GLU A 449 28.02 -6.55 0.03
CA GLU A 449 28.94 -5.59 0.66
C GLU A 449 29.36 -6.01 2.08
N HIS A 450 28.58 -6.88 2.71
CA HIS A 450 28.93 -7.44 4.02
C HIS A 450 30.02 -8.46 3.93
N TRP A 451 29.84 -9.43 3.03
CA TRP A 451 30.89 -10.43 2.76
C TRP A 451 32.11 -9.80 2.15
N LYS A 452 31.91 -8.75 1.37
CA LYS A 452 33.01 -7.99 0.76
C LYS A 452 33.84 -7.28 1.83
N LYS A 453 33.20 -6.96 2.95
CA LYS A 453 33.91 -6.37 4.09
C LYS A 453 34.70 -7.44 4.83
N ILE A 454 34.20 -8.68 4.82
CA ILE A 454 34.91 -9.80 5.44
C ILE A 454 36.20 -10.14 4.69
N VAL A 455 36.13 -10.27 3.36
CA VAL A 455 37.33 -10.58 2.55
C VAL A 455 38.39 -9.48 2.58
N LYS A 456 37.98 -8.25 2.91
CA LYS A 456 38.93 -7.15 3.02
C LYS A 456 39.68 -7.21 4.35
N THR A 457 39.04 -7.81 5.37
CA THR A 457 39.66 -8.03 6.68
C THR A 457 40.38 -9.38 6.71
N GLN A 458 39.76 -10.38 6.10
CA GLN A 458 40.38 -11.70 5.92
C GLN A 458 41.67 -11.59 5.10
N GLU A 459 41.72 -10.60 4.21
CA GLU A 459 42.90 -10.39 3.37
C GLU A 459 43.96 -9.51 4.05
N GLU A 460 43.55 -8.76 5.06
CA GLU A 460 44.49 -8.05 5.93
C GLU A 460 45.20 -9.04 6.84
N LEU A 461 44.44 -10.01 7.35
CA LEU A 461 44.96 -11.06 8.20
C LEU A 461 45.97 -11.94 7.46
N LYS A 462 45.69 -12.22 6.19
CA LYS A 462 46.60 -12.97 5.33
C LYS A 462 47.95 -12.27 5.20
N GLU A 463 47.92 -10.98 4.93
CA GLU A 463 49.16 -10.21 4.78
C GLU A 463 49.95 -10.08 6.07
N LEU A 464 49.24 -10.11 7.20
CA LEU A 464 49.89 -10.05 8.51
C LEU A 464 50.50 -11.39 8.88
N LEU A 465 49.77 -12.48 8.62
CA LEU A 465 50.27 -13.83 8.90
C LEU A 465 51.51 -14.19 8.07
N ASN A 466 51.57 -13.67 6.84
CA ASN A 466 52.74 -13.82 6.00
C ASN A 466 53.95 -13.10 6.58
N LYS A 467 53.72 -11.88 7.06
CA LYS A 467 54.77 -11.11 7.72
C LYS A 467 55.23 -11.79 9.01
N MET A 468 54.27 -12.29 9.79
CA MET A 468 54.55 -13.00 11.04
C MET A 468 55.33 -14.29 10.84
N VAL A 469 55.03 -15.01 9.76
CA VAL A 469 55.75 -16.25 9.42
C VAL A 469 57.20 -15.95 9.03
N ASN A 470 57.41 -14.91 8.21
CA ASN A 470 58.75 -14.50 7.79
C ASN A 470 59.60 -13.94 8.93
N LEU A 471 58.94 -13.44 9.97
CA LEU A 471 59.63 -12.95 11.14
C LEU A 471 60.03 -14.11 12.04
N LYS A 472 59.13 -15.08 12.22
CA LYS A 472 59.45 -16.29 12.97
C LYS A 472 60.54 -17.10 12.27
N GLU A 473 60.62 -16.95 10.95
CA GLU A 473 61.69 -17.54 10.15
C GLU A 473 63.04 -16.94 10.54
N LYS A 474 63.10 -15.62 10.60
CA LYS A 474 64.34 -14.91 10.88
C LYS A 474 64.69 -14.84 12.36
N ILE A 475 63.68 -14.99 13.23
CA ILE A 475 63.92 -15.13 14.66
C ILE A 475 64.51 -16.51 14.96
N LYS A 476 64.04 -17.51 14.24
CA LYS A 476 64.54 -18.89 14.32
C LYS A 476 66.02 -18.93 13.98
N GLU A 477 66.38 -18.23 12.90
CA GLU A 477 67.76 -18.19 12.41
C GLU A 477 68.67 -17.38 13.32
N LEU A 478 68.20 -16.22 13.78
CA LEU A 478 68.98 -15.35 14.66
C LEU A 478 69.22 -15.94 16.03
N HIS A 479 68.28 -16.74 16.51
CA HIS A 479 68.45 -17.41 17.81
C HIS A 479 69.53 -18.44 17.72
N GLN A 480 69.58 -19.15 16.59
CA GLN A 480 70.63 -20.10 16.31
C GLN A 480 72.00 -19.41 16.33
N GLN A 481 72.10 -18.28 15.64
CA GLN A 481 73.34 -17.52 15.53
C GLN A 481 73.82 -16.98 16.86
N TYR A 482 72.89 -16.53 17.70
CA TYR A 482 73.20 -16.06 19.04
C TYR A 482 73.67 -17.22 19.91
N LYS A 483 72.93 -18.33 19.84
CA LYS A 483 73.28 -19.54 20.58
C LYS A 483 74.74 -19.92 20.27
N GLU A 484 75.07 -20.04 18.98
CA GLU A 484 76.43 -20.36 18.52
C GLU A 484 77.47 -19.36 19.01
N ALA A 485 77.08 -18.10 19.14
CA ALA A 485 77.99 -17.05 19.61
C ALA A 485 78.23 -17.15 21.11
N SER A 486 77.26 -17.71 21.84
CA SER A 486 77.40 -17.89 23.29
C SER A 486 78.10 -19.19 23.68
N GLU A 487 78.30 -20.08 22.70
CA GLU A 487 79.06 -21.32 22.92
C GLU A 487 80.54 -21.03 23.02
N VAL A 488 81.00 -19.97 22.36
CA VAL A 488 82.38 -19.49 22.47
C VAL A 488 82.63 -19.07 23.92
N LYS A 489 83.29 -19.96 24.67
CA LYS A 489 83.50 -19.75 26.10
C LYS A 489 84.52 -18.65 26.37
N PRO A 490 84.28 -17.85 27.43
CA PRO A 490 85.23 -16.83 27.87
C PRO A 490 86.55 -17.47 28.30
N PRO A 491 87.67 -16.72 28.22
CA PRO A 491 87.73 -15.30 27.82
C PRO A 491 87.69 -15.15 26.29
N ARG A 492 87.05 -14.06 25.85
CA ARG A 492 86.94 -13.76 24.42
C ARG A 492 87.27 -12.31 24.14
N ASP A 493 87.81 -12.04 22.96
CA ASP A 493 88.18 -10.67 22.60
C ASP A 493 86.92 -9.85 22.31
N ILE A 494 87.07 -8.53 22.29
CA ILE A 494 85.92 -7.64 22.24
C ILE A 494 84.96 -7.85 21.05
N THR A 495 85.50 -8.13 19.87
CA THR A 495 84.66 -8.36 18.69
C THR A 495 83.74 -9.56 18.93
N ALA A 496 84.29 -10.65 19.46
CA ALA A 496 83.51 -11.84 19.78
C ALA A 496 82.53 -11.60 20.93
N GLU A 497 82.88 -10.66 21.80
CA GLU A 497 82.02 -10.25 22.91
C GLU A 497 80.86 -9.41 22.37
N PHE A 498 81.18 -8.52 21.44
CA PHE A 498 80.20 -7.66 20.77
C PHE A 498 79.20 -8.47 19.96
N LEU A 499 79.68 -9.54 19.34
CA LEU A 499 78.82 -10.40 18.52
C LEU A 499 77.69 -10.99 19.33
N VAL A 500 78.00 -11.42 20.56
CA VAL A 500 76.98 -11.95 21.47
C VAL A 500 75.99 -10.85 21.85
N LYS A 501 76.52 -9.68 22.20
CA LYS A 501 75.69 -8.52 22.56
C LYS A 501 74.82 -8.09 21.38
N SER A 502 75.45 -7.90 20.22
CA SER A 502 74.76 -7.54 18.99
C SER A 502 73.56 -8.45 18.73
N LYS A 503 73.82 -9.75 18.59
CA LYS A 503 72.76 -10.73 18.32
C LYS A 503 71.68 -10.73 19.39
N HIS A 504 72.06 -10.39 20.62
CA HIS A 504 71.08 -10.29 21.71
C HIS A 504 70.13 -9.14 21.47
N ARG A 505 70.69 -7.97 21.16
CA ARG A 505 69.90 -6.79 20.83
C ARG A 505 69.03 -7.05 19.60
N ASP A 506 69.66 -7.54 18.53
CA ASP A 506 68.99 -7.82 17.27
C ASP A 506 67.84 -8.80 17.40
N LEU A 507 67.89 -9.67 18.42
CA LEU A 507 66.83 -10.65 18.65
C LEU A 507 65.67 -10.05 19.42
N THR A 508 65.96 -9.37 20.54
CA THR A 508 64.93 -8.74 21.34
C THR A 508 64.22 -7.62 20.57
N ALA A 509 64.91 -7.07 19.57
CA ALA A 509 64.31 -6.11 18.64
C ALA A 509 63.27 -6.77 17.74
N LEU A 510 63.61 -7.94 17.20
CA LEU A 510 62.68 -8.69 16.34
C LEU A 510 61.59 -9.39 17.15
N CYS A 511 61.87 -9.66 18.41
CA CYS A 511 60.87 -10.22 19.31
C CYS A 511 59.88 -9.14 19.76
N LYS A 512 60.33 -7.89 19.75
CA LYS A 512 59.46 -6.75 20.01
C LYS A 512 58.42 -6.61 18.90
N GLU A 513 58.88 -6.71 17.65
CA GLU A 513 58.01 -6.58 16.49
C GLU A 513 56.94 -7.65 16.43
N TYR A 514 57.34 -8.91 16.61
CA TYR A 514 56.42 -10.05 16.57
C TYR A 514 55.31 -9.94 17.62
N ASP A 515 55.66 -9.38 18.78
CA ASP A 515 54.68 -9.17 19.85
C ASP A 515 53.68 -8.06 19.50
N GLU A 516 54.13 -7.07 18.75
CA GLU A 516 53.25 -6.01 18.25
C GLU A 516 52.40 -6.49 17.08
N LEU A 517 52.87 -7.51 16.38
CA LEU A 517 52.12 -8.12 15.29
C LEU A 517 51.10 -9.16 15.78
N ALA A 518 51.43 -9.83 16.88
CA ALA A 518 50.50 -10.75 17.53
C ALA A 518 49.38 -9.94 18.19
N GLU A 519 49.67 -8.69 18.50
CA GLU A 519 48.70 -7.71 18.99
C GLU A 519 47.68 -7.42 17.88
N THR A 520 48.19 -7.00 16.73
CA THR A 520 47.37 -6.71 15.55
C THR A 520 46.51 -7.91 15.16
N GLN A 521 47.07 -9.11 15.21
CA GLN A 521 46.33 -10.33 14.89
C GLN A 521 45.14 -10.52 15.83
N GLY A 522 45.35 -10.22 17.11
CA GLY A 522 44.28 -10.33 18.12
C GLY A 522 43.11 -9.40 17.85
N LYS A 523 43.41 -8.21 17.33
CA LYS A 523 42.39 -7.21 16.99
C LYS A 523 41.59 -7.61 15.74
N LEU A 524 42.29 -8.01 14.69
CA LEU A 524 41.65 -8.41 13.44
C LEU A 524 40.92 -9.75 13.57
N GLU A 525 41.41 -10.62 14.46
CA GLU A 525 40.85 -11.95 14.64
C GLU A 525 39.47 -11.89 15.27
N GLU A 526 39.27 -10.91 16.15
CA GLU A 526 37.97 -10.70 16.80
C GLU A 526 37.06 -9.83 15.94
N LYS A 527 37.67 -8.96 15.13
CA LYS A 527 36.93 -8.13 14.18
C LYS A 527 36.26 -8.99 13.10
N LEU A 528 36.85 -10.14 12.81
CA LEU A 528 36.25 -11.11 11.89
C LEU A 528 35.10 -11.86 12.56
N GLN A 529 35.26 -12.19 13.84
CA GLN A 529 34.20 -12.81 14.63
C GLN A 529 33.09 -11.82 14.94
N GLU A 530 33.41 -10.53 14.83
CA GLU A 530 32.45 -9.45 14.96
C GLU A 530 31.46 -9.50 13.79
N LEU A 531 31.99 -9.39 12.56
CA LEU A 531 31.18 -9.31 11.35
C LEU A 531 30.44 -10.61 11.06
N GLU A 532 31.10 -11.74 11.28
CA GLU A 532 30.47 -13.05 11.07
C GLU A 532 29.41 -13.39 12.13
N ALA A 533 29.37 -12.62 13.21
CA ALA A 533 28.40 -12.83 14.29
C ALA A 533 27.01 -12.29 13.94
N ASN A 534 26.97 -11.10 13.34
CA ASN A 534 25.71 -10.50 12.93
C ASN A 534 25.62 -10.26 11.41
N PRO A 535 25.15 -11.27 10.67
CA PRO A 535 24.96 -11.10 9.22
C PRO A 535 23.68 -10.32 8.92
N PRO A 536 23.61 -9.67 7.75
CA PRO A 536 22.37 -9.01 7.33
C PRO A 536 21.26 -10.03 6.99
N SER A 537 20.09 -9.53 6.61
CA SER A 537 18.94 -10.37 6.29
C SER A 537 19.27 -11.45 5.28
N ASP A 538 18.84 -12.68 5.59
CA ASP A 538 19.03 -13.84 4.72
C ASP A 538 18.25 -13.69 3.40
N VAL A 539 16.93 -13.51 3.52
CA VAL A 539 16.05 -13.26 2.37
C VAL A 539 15.12 -12.09 2.68
N TYR A 540 14.49 -11.53 1.64
CA TYR A 540 13.50 -10.48 1.85
C TYR A 540 12.21 -11.05 2.45
N LEU A 541 11.66 -12.08 1.80
CA LEU A 541 10.52 -12.83 2.30
C LEU A 541 10.63 -14.28 1.88
N SER A 542 10.26 -15.19 2.78
CA SER A 542 10.23 -16.62 2.48
C SER A 542 8.93 -17.00 1.80
N SER A 543 8.85 -18.25 1.32
CA SER A 543 7.65 -18.77 0.68
C SER A 543 6.44 -18.70 1.61
N ARG A 544 6.66 -18.95 2.89
CA ARG A 544 5.61 -18.84 3.89
C ARG A 544 5.20 -17.38 4.08
N ASP A 545 6.18 -16.47 4.05
CA ASP A 545 5.93 -15.03 4.15
C ASP A 545 5.13 -14.54 2.95
N ARG A 546 5.69 -14.78 1.76
CA ARG A 546 5.12 -14.35 0.48
C ARG A 546 3.68 -14.82 0.28
N GLN A 547 3.34 -15.97 0.86
CA GLN A 547 1.97 -16.49 0.86
C GLN A 547 1.02 -15.63 1.69
N ILE A 548 1.46 -15.25 2.89
CA ILE A 548 0.65 -14.41 3.77
C ILE A 548 0.50 -13.00 3.19
N LEU A 549 1.55 -12.53 2.52
CA LEU A 549 1.50 -11.24 1.82
C LEU A 549 0.49 -11.30 0.66
N ASP A 550 0.41 -12.45 0.01
CA ASP A 550 -0.55 -12.66 -1.08
C ASP A 550 -1.99 -12.56 -0.60
N TRP A 551 -2.22 -12.87 0.68
CA TRP A 551 -3.55 -12.70 1.27
C TRP A 551 -3.89 -11.26 1.41
N HIS A 552 -2.89 -10.45 1.76
CA HIS A 552 -3.07 -9.02 1.87
C HIS A 552 -3.31 -8.37 0.54
N PHE A 553 -2.72 -8.94 -0.51
CA PHE A 553 -2.99 -8.47 -1.87
C PHE A 553 -4.41 -8.85 -2.29
N ALA A 554 -4.83 -10.05 -1.89
CA ALA A 554 -6.18 -10.52 -2.15
C ALA A 554 -7.20 -9.59 -1.51
N ASN A 555 -6.89 -9.12 -0.30
CA ASN A 555 -7.73 -8.15 0.38
C ASN A 555 -7.92 -6.90 -0.48
N LEU A 556 -6.81 -6.37 -0.98
CA LEU A 556 -6.82 -5.22 -1.89
C LEU A 556 -7.54 -5.53 -3.20
N GLU A 557 -7.40 -6.76 -3.67
CA GLU A 557 -8.08 -7.21 -4.89
C GLU A 557 -9.58 -7.38 -4.65
N PHE A 558 -9.94 -7.65 -3.40
CA PHE A 558 -11.34 -7.68 -3.00
C PHE A 558 -11.88 -6.26 -2.90
N ALA A 559 -11.13 -5.38 -2.26
CA ALA A 559 -11.56 -4.01 -2.05
C ALA A 559 -11.79 -3.27 -3.37
N ASN A 560 -11.02 -3.63 -4.39
CA ASN A 560 -11.18 -3.01 -5.69
C ASN A 560 -11.96 -3.89 -6.67
N ALA A 561 -12.34 -5.07 -6.19
CA ALA A 561 -13.00 -6.08 -7.02
C ALA A 561 -12.28 -6.26 -8.38
N THR A 562 -10.98 -6.52 -8.32
CA THR A 562 -10.18 -6.68 -9.53
C THR A 562 -8.72 -7.04 -9.25
N PRO A 563 -8.12 -7.87 -10.13
CA PRO A 563 -6.68 -8.08 -10.19
C PRO A 563 -5.89 -6.77 -10.19
N LEU A 564 -4.87 -6.69 -9.33
CA LEU A 564 -4.09 -5.48 -9.14
C LEU A 564 -3.35 -5.06 -10.41
N SER A 565 -3.29 -5.98 -11.37
CA SER A 565 -2.68 -5.74 -12.66
C SER A 565 -3.56 -4.87 -13.55
N THR A 566 -4.78 -4.58 -13.10
CA THR A 566 -5.73 -3.78 -13.86
C THR A 566 -5.93 -2.37 -13.31
N LEU A 567 -5.77 -2.23 -11.99
CA LEU A 567 -5.89 -0.94 -11.31
C LEU A 567 -4.88 0.10 -11.81
N SER A 568 -5.30 1.35 -11.86
CA SER A 568 -4.42 2.46 -12.21
C SER A 568 -3.47 2.72 -11.06
N LEU A 569 -2.16 2.77 -11.33
CA LEU A 569 -1.20 3.08 -10.28
C LEU A 569 -1.49 4.45 -9.69
N LYS A 570 -1.52 5.46 -10.56
CA LYS A 570 -1.68 6.84 -10.10
C LYS A 570 -3.03 7.10 -9.41
N HIS A 571 -4.09 6.47 -9.90
CA HIS A 571 -5.45 6.88 -9.55
C HIS A 571 -6.30 5.88 -8.82
N TRP A 572 -5.82 4.65 -8.67
CA TRP A 572 -6.65 3.60 -8.06
C TRP A 572 -7.33 4.02 -6.78
N ASP A 573 -6.69 4.93 -6.04
CA ASP A 573 -7.17 5.37 -4.74
C ASP A 573 -7.61 6.83 -4.75
N GLN A 574 -7.85 7.38 -5.95
CA GLN A 574 -8.14 8.81 -6.10
C GLN A 574 -9.28 9.36 -5.23
N ASP A 575 -10.14 8.47 -4.74
CA ASP A 575 -11.28 8.88 -3.94
C ASP A 575 -11.01 8.88 -2.44
N ASP A 576 -9.75 8.70 -2.05
CA ASP A 576 -9.37 8.50 -0.65
C ASP A 576 -9.76 9.66 0.27
N ASP A 577 -9.54 10.87 -0.21
CA ASP A 577 -9.78 12.09 0.58
C ASP A 577 -11.22 12.27 1.04
N PHE A 578 -12.13 11.46 0.50
CA PHE A 578 -13.56 11.68 0.71
C PHE A 578 -14.25 10.60 1.51
N GLU A 579 -13.47 9.62 1.97
CA GLU A 579 -14.02 8.52 2.78
C GLU A 579 -14.65 9.04 4.07
N PHE A 580 -15.73 8.39 4.50
CA PHE A 580 -16.43 8.79 5.72
C PHE A 580 -15.67 8.35 6.97
N THR A 581 -16.02 8.97 8.11
CA THR A 581 -15.43 8.63 9.39
C THR A 581 -16.37 7.70 10.17
N GLY A 582 -15.79 6.92 11.08
CA GLY A 582 -16.58 6.05 11.95
C GLY A 582 -16.49 4.59 11.62
N SER A 583 -17.04 3.76 12.50
CA SER A 583 -17.02 2.31 12.36
C SER A 583 -17.85 1.89 11.15
N HIS A 584 -17.35 0.89 10.43
CA HIS A 584 -18.11 0.27 9.36
C HIS A 584 -19.16 -0.60 9.97
N LEU A 585 -20.38 -0.57 9.42
CA LEU A 585 -21.48 -1.33 9.99
C LEU A 585 -22.08 -2.27 8.97
N THR A 586 -22.86 -3.23 9.46
CA THR A 586 -23.60 -4.13 8.58
C THR A 586 -25.09 -4.00 8.81
N VAL A 587 -25.85 -4.09 7.74
CA VAL A 587 -27.31 -4.10 7.84
C VAL A 587 -27.71 -5.50 8.27
N ARG A 588 -28.07 -5.62 9.54
CA ARG A 588 -28.28 -6.92 10.18
C ARG A 588 -29.59 -7.56 9.73
N ASN A 589 -30.57 -6.72 9.38
CA ASN A 589 -31.85 -7.21 8.87
C ASN A 589 -31.88 -7.30 7.33
N GLY A 590 -30.71 -7.17 6.70
CA GLY A 590 -30.59 -7.25 5.24
C GLY A 590 -30.71 -5.89 4.59
N TYR A 591 -29.87 -5.64 3.59
CA TYR A 591 -29.80 -4.32 2.95
C TYR A 591 -31.03 -4.02 2.07
N SER A 592 -31.69 -5.07 1.57
CA SER A 592 -32.83 -4.91 0.67
C SER A 592 -33.89 -4.00 1.26
N CYS A 593 -33.99 -4.00 2.59
CA CYS A 593 -34.93 -3.15 3.30
C CYS A 593 -34.91 -1.70 2.82
N VAL A 594 -33.76 -1.24 2.31
CA VAL A 594 -33.58 0.14 1.86
C VAL A 594 -34.19 0.43 0.48
N PRO A 595 -33.71 -0.28 -0.57
CA PRO A 595 -34.35 -0.11 -1.88
C PRO A 595 -35.85 -0.38 -1.85
N VAL A 596 -36.25 -1.45 -1.16
CA VAL A 596 -37.67 -1.77 -1.00
C VAL A 596 -38.46 -0.61 -0.40
N ALA A 597 -37.92 -0.03 0.68
CA ALA A 597 -38.56 1.11 1.33
C ALA A 597 -38.62 2.34 0.42
N LEU A 598 -37.59 2.53 -0.41
CA LEU A 598 -37.55 3.65 -1.34
C LEU A 598 -38.57 3.47 -2.46
N ALA A 599 -38.77 2.21 -2.86
CA ALA A 599 -39.66 1.85 -3.96
C ALA A 599 -41.13 2.15 -3.68
N GLU A 600 -41.48 2.29 -2.41
CA GLU A 600 -42.87 2.51 -2.00
C GLU A 600 -43.43 3.82 -2.53
N GLY A 601 -44.50 3.71 -3.32
CA GLY A 601 -45.17 4.86 -3.91
C GLY A 601 -44.56 5.30 -5.22
N LEU A 602 -44.02 4.35 -5.98
CA LEU A 602 -43.37 4.66 -7.25
C LEU A 602 -43.83 3.74 -8.37
N ASP A 603 -43.99 4.30 -9.56
CA ASP A 603 -44.39 3.53 -10.73
C ASP A 603 -43.20 2.76 -11.30
N ILE A 604 -43.07 1.51 -10.88
CA ILE A 604 -41.96 0.67 -11.30
C ILE A 604 -42.47 -0.50 -12.15
N LYS A 605 -41.97 -0.59 -13.38
CA LYS A 605 -42.35 -1.68 -14.26
C LYS A 605 -41.32 -2.80 -14.17
N LEU A 606 -41.60 -3.80 -13.34
CA LEU A 606 -40.71 -4.94 -13.16
C LEU A 606 -40.80 -5.90 -14.34
N ASN A 607 -39.71 -6.64 -14.58
CA ASN A 607 -39.62 -7.57 -15.71
C ASN A 607 -39.66 -6.88 -17.08
N THR A 608 -39.06 -5.70 -17.15
CA THR A 608 -39.10 -4.86 -18.34
C THR A 608 -37.68 -4.50 -18.80
N ALA A 609 -37.22 -5.18 -19.84
CA ALA A 609 -35.83 -5.04 -20.27
C ALA A 609 -35.69 -4.04 -21.41
N VAL A 610 -35.14 -2.86 -21.10
CA VAL A 610 -34.91 -1.84 -22.12
C VAL A 610 -33.97 -2.37 -23.21
N ARG A 611 -34.38 -2.17 -24.46
CA ARG A 611 -33.62 -2.67 -25.60
C ARG A 611 -33.03 -1.54 -26.40
N GLN A 612 -33.72 -0.42 -26.43
CA GLN A 612 -33.32 0.71 -27.25
C GLN A 612 -33.74 2.03 -26.64
N VAL A 613 -32.80 2.98 -26.64
CA VAL A 613 -33.10 4.35 -26.24
C VAL A 613 -32.97 5.27 -27.45
N ARG A 614 -34.08 5.92 -27.78
CA ARG A 614 -34.17 6.86 -28.87
C ARG A 614 -34.44 8.24 -28.30
N TYR A 615 -33.48 9.15 -28.50
CA TYR A 615 -33.57 10.52 -28.03
C TYR A 615 -33.40 11.47 -29.21
N THR A 616 -34.29 12.46 -29.28
CA THR A 616 -34.27 13.46 -30.36
C THR A 616 -34.58 14.82 -29.78
N ALA A 617 -34.35 15.85 -30.58
CA ALA A 617 -34.58 17.24 -30.16
C ALA A 617 -35.95 17.46 -29.54
N SER A 618 -36.97 16.80 -30.10
CA SER A 618 -38.35 16.97 -29.64
C SER A 618 -38.72 16.07 -28.46
N GLY A 619 -37.89 15.06 -28.20
CA GLY A 619 -38.15 14.16 -27.08
C GLY A 619 -37.58 12.75 -27.21
N CYS A 620 -38.04 11.86 -26.33
CA CYS A 620 -37.50 10.51 -26.22
C CYS A 620 -38.55 9.41 -26.28
N GLU A 621 -38.18 8.33 -26.94
CA GLU A 621 -38.92 7.07 -26.84
C GLU A 621 -38.00 5.94 -26.39
N VAL A 622 -38.50 5.16 -25.43
CA VAL A 622 -37.74 4.04 -24.86
C VAL A 622 -38.44 2.74 -25.22
N ILE A 623 -37.72 1.87 -25.93
CA ILE A 623 -38.26 0.58 -26.35
C ILE A 623 -37.79 -0.53 -25.42
N ALA A 624 -38.73 -1.14 -24.71
CA ALA A 624 -38.44 -2.24 -23.81
C ALA A 624 -39.25 -3.48 -24.18
N VAL A 625 -38.85 -4.63 -23.63
CA VAL A 625 -39.57 -5.88 -23.82
C VAL A 625 -39.95 -6.46 -22.46
N ASN A 626 -40.81 -7.48 -22.48
CA ASN A 626 -41.09 -8.28 -21.30
C ASN A 626 -40.07 -9.40 -21.24
N THR A 627 -39.42 -9.55 -20.08
CA THR A 627 -38.34 -10.53 -19.91
C THR A 627 -38.83 -11.96 -20.05
N ARG A 628 -40.10 -12.19 -19.73
CA ARG A 628 -40.68 -13.53 -19.78
C ARG A 628 -41.06 -13.96 -21.20
N SER A 629 -42.02 -13.26 -21.81
CA SER A 629 -42.31 -13.44 -23.24
C SER A 629 -41.62 -12.31 -24.02
N THR A 630 -40.42 -12.60 -24.52
CA THR A 630 -39.49 -11.59 -25.03
C THR A 630 -39.91 -10.92 -26.34
N SER A 631 -40.98 -11.42 -26.97
CA SER A 631 -41.50 -10.85 -28.21
C SER A 631 -42.53 -9.76 -27.95
N GLN A 632 -43.02 -9.67 -26.71
CA GLN A 632 -43.98 -8.64 -26.32
C GLN A 632 -43.27 -7.30 -26.08
N THR A 633 -43.59 -6.30 -26.91
CA THR A 633 -42.87 -5.03 -26.95
C THR A 633 -43.60 -3.88 -26.24
N PHE A 634 -42.82 -2.97 -25.68
CA PHE A 634 -43.34 -1.77 -25.03
C PHE A 634 -42.65 -0.52 -25.57
N ILE A 635 -43.43 0.52 -25.81
CA ILE A 635 -42.88 1.82 -26.20
C ILE A 635 -43.23 2.84 -25.13
N TYR A 636 -42.24 3.64 -24.74
CA TYR A 636 -42.40 4.67 -23.74
C TYR A 636 -41.96 6.04 -24.27
N LYS A 637 -42.86 7.01 -24.20
CA LYS A 637 -42.57 8.38 -24.65
C LYS A 637 -42.33 9.26 -23.43
N CYS A 638 -41.25 10.05 -23.48
CA CYS A 638 -40.89 10.92 -22.36
C CYS A 638 -40.04 12.12 -22.78
N ASP A 639 -40.06 13.15 -21.94
CA ASP A 639 -39.25 14.35 -22.13
C ASP A 639 -37.76 14.07 -21.95
N ALA A 640 -37.42 13.22 -20.98
CA ALA A 640 -36.04 12.88 -20.66
C ALA A 640 -35.88 11.45 -20.18
N VAL A 641 -34.75 10.83 -20.51
CA VAL A 641 -34.40 9.49 -20.04
C VAL A 641 -33.22 9.53 -19.08
N LEU A 642 -33.44 9.09 -17.85
CA LEU A 642 -32.35 8.90 -16.90
C LEU A 642 -31.91 7.45 -16.91
N CYS A 643 -30.65 7.25 -17.30
CA CYS A 643 -30.09 5.93 -17.45
C CYS A 643 -29.21 5.57 -16.25
N THR A 644 -29.60 4.54 -15.50
CA THR A 644 -28.81 4.09 -14.36
C THR A 644 -28.24 2.68 -14.62
N LEU A 645 -28.10 2.34 -15.89
CA LEU A 645 -27.52 1.07 -16.30
C LEU A 645 -26.10 0.92 -15.75
N PRO A 646 -25.82 -0.22 -15.09
CA PRO A 646 -24.48 -0.54 -14.59
C PRO A 646 -23.45 -0.43 -15.70
N LEU A 647 -22.22 -0.04 -15.33
CA LEU A 647 -21.14 0.18 -16.31
C LEU A 647 -20.86 -1.08 -17.13
N GLY A 648 -20.90 -2.23 -16.48
CA GLY A 648 -20.74 -3.52 -17.15
C GLY A 648 -21.77 -3.76 -18.24
N VAL A 649 -22.98 -3.23 -18.03
CA VAL A 649 -24.04 -3.33 -19.03
C VAL A 649 -23.72 -2.43 -20.21
N LEU A 650 -23.36 -1.18 -19.90
CA LEU A 650 -22.99 -0.20 -20.93
C LEU A 650 -21.77 -0.68 -21.70
N LYS A 651 -21.06 -1.65 -21.13
CA LYS A 651 -19.85 -2.18 -21.74
C LYS A 651 -20.10 -3.28 -22.74
N GLN A 652 -21.22 -4.00 -22.59
CA GLN A 652 -21.54 -5.18 -23.41
C GLN A 652 -21.24 -5.02 -24.90
N GLN A 653 -20.67 -6.07 -25.49
CA GLN A 653 -20.36 -6.09 -26.91
C GLN A 653 -20.62 -7.48 -27.49
N PRO A 654 -21.62 -7.60 -28.40
CA PRO A 654 -22.52 -6.55 -28.91
C PRO A 654 -23.47 -6.00 -27.83
N PRO A 655 -23.89 -4.73 -27.96
CA PRO A 655 -24.62 -3.99 -26.91
C PRO A 655 -25.94 -4.63 -26.50
N ALA A 656 -26.23 -4.60 -25.21
CA ALA A 656 -27.51 -5.07 -24.69
C ALA A 656 -28.60 -4.01 -24.88
N VAL A 657 -28.17 -2.75 -24.89
CA VAL A 657 -29.06 -1.62 -25.15
C VAL A 657 -28.50 -0.80 -26.30
N GLN A 658 -29.37 -0.45 -27.25
CA GLN A 658 -28.97 0.33 -28.39
C GLN A 658 -29.37 1.79 -28.19
N PHE A 659 -28.43 2.70 -28.46
CA PHE A 659 -28.72 4.12 -28.39
C PHE A 659 -28.89 4.71 -29.78
N VAL A 660 -30.02 5.39 -29.96
CA VAL A 660 -30.36 6.04 -31.23
C VAL A 660 -30.63 7.53 -30.99
N PRO A 661 -29.69 8.40 -31.47
CA PRO A 661 -28.48 8.05 -32.22
C PRO A 661 -27.38 7.47 -31.34
N PRO A 662 -26.31 6.91 -31.96
CA PRO A 662 -25.21 6.35 -31.16
C PRO A 662 -24.64 7.37 -30.18
N LEU A 663 -24.28 6.91 -28.99
CA LEU A 663 -23.64 7.76 -28.00
C LEU A 663 -22.35 8.36 -28.56
N PRO A 664 -22.09 9.64 -28.24
CA PRO A 664 -20.91 10.33 -28.77
C PRO A 664 -19.61 9.66 -28.37
N GLU A 665 -18.58 9.79 -29.22
CA GLU A 665 -17.29 9.14 -29.01
C GLU A 665 -16.69 9.35 -27.61
N TRP A 666 -16.79 10.57 -27.09
CA TRP A 666 -16.22 10.89 -25.78
C TRP A 666 -16.83 10.07 -24.67
N LYS A 667 -18.10 9.73 -24.82
CA LYS A 667 -18.80 8.93 -23.84
C LYS A 667 -18.40 7.47 -23.93
N THR A 668 -18.36 6.94 -25.14
CA THR A 668 -18.04 5.51 -25.34
C THR A 668 -16.58 5.22 -25.02
N SER A 669 -15.70 6.18 -25.29
CA SER A 669 -14.30 6.09 -24.91
C SER A 669 -14.17 5.97 -23.40
N ALA A 670 -14.95 6.78 -22.67
CA ALA A 670 -15.00 6.75 -21.21
C ALA A 670 -15.48 5.39 -20.70
N VAL A 671 -16.45 4.81 -21.42
CA VAL A 671 -16.99 3.51 -21.05
C VAL A 671 -15.94 2.41 -21.20
N GLN A 672 -15.23 2.42 -22.33
CA GLN A 672 -14.16 1.46 -22.55
C GLN A 672 -13.00 1.63 -21.58
N ARG A 673 -12.53 2.87 -21.41
CA ARG A 673 -11.40 3.18 -20.54
C ARG A 673 -11.61 2.69 -19.11
N MET A 674 -12.79 3.01 -18.56
CA MET A 674 -13.12 2.66 -17.18
C MET A 674 -13.14 1.15 -16.94
N GLY A 675 -12.94 0.78 -15.68
CA GLY A 675 -12.93 -0.62 -15.32
C GLY A 675 -14.18 -1.01 -14.57
N PHE A 676 -14.75 -2.16 -14.94
CA PHE A 676 -15.84 -2.73 -14.17
C PHE A 676 -15.38 -4.07 -13.62
N GLY A 677 -15.29 -4.14 -12.30
CA GLY A 677 -14.74 -5.31 -11.64
C GLY A 677 -15.75 -6.38 -11.32
N ASN A 678 -15.29 -7.35 -10.53
CA ASN A 678 -16.05 -8.53 -10.16
C ASN A 678 -15.58 -9.06 -8.80
N LEU A 679 -16.52 -9.42 -7.95
CA LEU A 679 -16.23 -10.10 -6.69
C LEU A 679 -17.50 -10.86 -6.31
N ASN A 680 -17.32 -12.10 -5.83
CA ASN A 680 -18.46 -12.97 -5.51
C ASN A 680 -18.55 -13.37 -4.04
N LYS A 681 -19.75 -13.79 -3.63
CA LYS A 681 -19.99 -14.20 -2.24
C LYS A 681 -20.57 -15.60 -2.14
N VAL A 682 -20.15 -16.35 -1.11
CA VAL A 682 -20.69 -17.68 -0.84
C VAL A 682 -21.40 -17.70 0.52
N VAL A 683 -22.70 -17.91 0.49
CA VAL A 683 -23.50 -17.89 1.71
C VAL A 683 -23.65 -19.31 2.25
N LEU A 684 -23.18 -19.50 3.48
CA LEU A 684 -23.27 -20.79 4.16
C LEU A 684 -24.14 -20.67 5.41
N CYS A 685 -25.26 -21.39 5.41
CA CYS A 685 -26.22 -21.34 6.50
C CYS A 685 -26.22 -22.62 7.32
N PHE A 686 -25.71 -22.53 8.54
CA PHE A 686 -25.61 -23.69 9.43
C PHE A 686 -26.70 -23.68 10.50
N ASP A 687 -26.78 -24.79 11.24
CA ASP A 687 -27.74 -24.94 12.33
C ASP A 687 -27.15 -24.53 13.68
N ARG A 688 -25.83 -24.35 13.72
CA ARG A 688 -25.11 -23.99 14.96
C ARG A 688 -23.82 -23.23 14.70
N VAL A 689 -23.50 -22.29 15.58
CA VAL A 689 -22.27 -21.50 15.51
C VAL A 689 -21.08 -22.35 15.98
N PHE A 690 -20.12 -22.59 15.09
CA PHE A 690 -18.91 -23.35 15.43
C PHE A 690 -17.63 -22.52 15.35
N TRP A 691 -17.79 -21.23 15.08
CA TRP A 691 -16.66 -20.30 14.98
C TRP A 691 -16.62 -19.41 16.17
N ASP A 692 -15.58 -18.60 16.28
CA ASP A 692 -15.45 -17.63 17.37
C ASP A 692 -16.54 -16.56 17.23
N PRO A 693 -17.55 -16.59 18.14
CA PRO A 693 -18.72 -15.72 18.05
C PRO A 693 -18.40 -14.24 18.21
N SER A 694 -17.26 -13.91 18.81
CA SER A 694 -16.86 -12.51 19.01
C SER A 694 -15.90 -12.02 17.93
N VAL A 695 -15.54 -12.91 17.01
CA VAL A 695 -14.74 -12.54 15.84
C VAL A 695 -15.65 -12.48 14.61
N ASN A 696 -15.65 -11.31 13.96
CA ASN A 696 -16.54 -11.06 12.83
C ASN A 696 -16.01 -11.61 11.51
N LEU A 697 -14.69 -11.62 11.37
CA LEU A 697 -14.07 -12.04 10.13
C LEU A 697 -12.70 -12.68 10.34
N PHE A 698 -12.44 -13.73 9.59
CA PHE A 698 -11.15 -14.41 9.61
C PHE A 698 -10.73 -14.82 8.21
N GLY A 699 -9.45 -14.68 7.93
CA GLY A 699 -8.92 -15.00 6.60
C GLY A 699 -8.52 -16.44 6.45
N HIS A 700 -8.18 -16.80 5.22
CA HIS A 700 -7.55 -18.08 4.89
C HIS A 700 -6.52 -17.81 3.85
N VAL A 701 -5.28 -18.22 4.13
CA VAL A 701 -4.18 -18.01 3.20
C VAL A 701 -4.15 -19.15 2.18
N GLY A 702 -4.26 -18.79 0.91
CA GLY A 702 -4.22 -19.79 -0.17
C GLY A 702 -2.81 -20.26 -0.45
N SER A 703 -2.70 -21.28 -1.31
CA SER A 703 -1.42 -21.90 -1.65
C SER A 703 -0.56 -21.03 -2.56
N THR A 704 -1.11 -20.64 -3.70
CA THR A 704 -0.35 -19.90 -4.70
C THR A 704 -0.89 -18.49 -4.86
N THR A 705 -0.11 -17.64 -5.52
CA THR A 705 -0.56 -16.33 -5.97
C THR A 705 -1.84 -16.48 -6.81
N ALA A 706 -1.83 -17.46 -7.71
CA ALA A 706 -2.92 -17.68 -8.64
C ALA A 706 -4.28 -17.85 -7.95
N SER A 707 -4.27 -18.46 -6.78
CA SER A 707 -5.51 -18.73 -6.05
C SER A 707 -5.63 -17.90 -4.77
N ARG A 708 -4.97 -16.74 -4.74
CA ARG A 708 -4.91 -15.95 -3.51
C ARG A 708 -6.26 -15.38 -3.07
N GLY A 709 -7.13 -15.12 -4.04
CA GLY A 709 -8.45 -14.56 -3.74
C GLY A 709 -9.52 -15.60 -3.49
N GLU A 710 -9.23 -16.85 -3.83
CA GLU A 710 -10.21 -17.93 -3.75
C GLU A 710 -10.56 -18.27 -2.31
N LEU A 711 -11.77 -17.89 -1.91
CA LEU A 711 -12.29 -18.15 -0.58
C LEU A 711 -11.36 -17.67 0.53
N PHE A 712 -10.81 -16.47 0.33
CA PHE A 712 -9.75 -15.94 1.17
C PHE A 712 -10.23 -15.29 2.45
N LEU A 713 -11.55 -15.12 2.59
CA LEU A 713 -12.10 -14.37 3.72
C LEU A 713 -13.51 -14.81 4.11
N PHE A 714 -13.80 -14.83 5.40
CA PHE A 714 -15.08 -15.34 5.92
C PHE A 714 -15.75 -14.35 6.89
N TRP A 715 -17.06 -14.16 6.75
CA TRP A 715 -17.80 -13.20 7.57
C TRP A 715 -18.83 -13.85 8.45
N ASN A 716 -18.76 -13.52 9.73
CA ASN A 716 -19.79 -13.84 10.69
C ASN A 716 -20.36 -12.51 11.15
N LEU A 717 -21.61 -12.22 10.79
CA LEU A 717 -22.21 -10.92 11.05
C LEU A 717 -23.61 -10.99 11.61
N TYR A 718 -24.39 -11.95 11.10
CA TYR A 718 -25.82 -11.96 11.32
C TYR A 718 -26.22 -12.67 12.61
N LYS A 719 -27.48 -12.45 13.01
CA LYS A 719 -28.06 -13.06 14.22
C LYS A 719 -28.00 -14.58 14.11
N ALA A 720 -28.47 -15.09 12.98
CA ALA A 720 -28.44 -16.53 12.67
C ALA A 720 -27.01 -17.02 12.42
N PRO A 721 -26.79 -18.35 12.54
CA PRO A 721 -25.47 -18.91 12.24
C PRO A 721 -25.20 -18.98 10.73
N ILE A 722 -24.71 -17.86 10.17
CA ILE A 722 -24.36 -17.79 8.75
C ILE A 722 -22.90 -17.36 8.57
N LEU A 723 -22.17 -18.13 7.80
CA LEU A 723 -20.82 -17.73 7.38
C LEU A 723 -20.82 -17.33 5.92
N LEU A 724 -20.09 -16.25 5.63
CA LEU A 724 -20.08 -15.67 4.30
C LEU A 724 -18.65 -15.65 3.76
N ALA A 725 -18.44 -16.31 2.62
CA ALA A 725 -17.08 -16.47 2.07
C ALA A 725 -16.87 -15.69 0.78
N LEU A 726 -15.79 -14.90 0.74
CA LEU A 726 -15.50 -14.05 -0.42
C LEU A 726 -14.62 -14.72 -1.47
N VAL A 727 -14.99 -14.55 -2.73
CA VAL A 727 -14.14 -14.98 -3.84
C VAL A 727 -13.74 -13.74 -4.65
N ALA A 728 -12.46 -13.41 -4.63
CA ALA A 728 -12.00 -12.14 -5.19
C ALA A 728 -10.85 -12.30 -6.18
N GLY A 729 -10.32 -11.17 -6.64
CA GLY A 729 -9.18 -11.15 -7.56
C GLY A 729 -9.41 -11.92 -8.85
N GLU A 730 -8.35 -12.51 -9.38
CA GLU A 730 -8.42 -13.33 -10.59
C GLU A 730 -9.34 -14.52 -10.40
N ALA A 731 -9.34 -15.07 -9.17
CA ALA A 731 -10.10 -16.24 -8.80
C ALA A 731 -11.61 -16.04 -8.95
N ALA A 732 -12.07 -14.82 -8.69
CA ALA A 732 -13.49 -14.46 -8.78
C ALA A 732 -14.09 -14.84 -10.13
N GLY A 733 -13.42 -14.41 -11.19
CA GLY A 733 -13.85 -14.68 -12.56
C GLY A 733 -13.95 -16.15 -12.91
N ILE A 734 -12.96 -16.93 -12.48
CA ILE A 734 -12.87 -18.36 -12.83
C ILE A 734 -13.85 -19.23 -12.04
N MET A 735 -14.10 -18.86 -10.79
CA MET A 735 -15.01 -19.60 -9.92
C MET A 735 -16.48 -19.52 -10.35
N GLU A 736 -16.75 -18.73 -11.39
CA GLU A 736 -18.10 -18.63 -11.95
C GLU A 736 -18.42 -19.81 -12.87
N ASN A 737 -17.38 -20.43 -13.43
CA ASN A 737 -17.52 -21.62 -14.25
C ASN A 737 -17.61 -22.91 -13.44
N ILE A 738 -17.69 -22.77 -12.11
CA ILE A 738 -17.67 -23.90 -11.21
C ILE A 738 -18.99 -23.99 -10.43
N SER A 739 -19.55 -25.20 -10.35
CA SER A 739 -20.85 -25.43 -9.72
C SER A 739 -20.81 -25.22 -8.21
N ASP A 740 -21.99 -24.92 -7.65
CA ASP A 740 -22.15 -24.58 -6.24
C ASP A 740 -21.58 -25.65 -5.30
N ASP A 741 -21.90 -26.90 -5.57
CA ASP A 741 -21.45 -28.04 -4.77
C ASP A 741 -19.94 -28.06 -4.63
N VAL A 742 -19.25 -27.91 -5.75
CA VAL A 742 -17.78 -27.87 -5.77
C VAL A 742 -17.25 -26.70 -4.95
N ILE A 743 -17.91 -25.55 -5.07
CA ILE A 743 -17.53 -24.34 -4.32
C ILE A 743 -17.79 -24.51 -2.83
N VAL A 744 -18.99 -24.99 -2.49
CA VAL A 744 -19.37 -25.27 -1.10
C VAL A 744 -18.45 -26.34 -0.52
N GLY A 745 -18.00 -27.26 -1.37
CA GLY A 745 -17.01 -28.27 -0.99
C GLY A 745 -15.75 -27.59 -0.46
N ARG A 746 -15.09 -26.84 -1.34
CA ARG A 746 -13.87 -26.11 -1.01
C ARG A 746 -14.04 -25.23 0.22
N CYS A 747 -15.25 -24.69 0.40
CA CYS A 747 -15.62 -23.91 1.60
C CYS A 747 -15.47 -24.74 2.86
N LEU A 748 -16.12 -25.90 2.88
CA LEU A 748 -16.11 -26.79 4.03
C LEU A 748 -14.71 -27.35 4.26
N ALA A 749 -14.02 -27.72 3.18
CA ALA A 749 -12.64 -28.17 3.25
C ALA A 749 -11.80 -27.23 4.11
N ILE A 750 -11.82 -25.93 3.77
CA ILE A 750 -11.06 -24.91 4.48
C ILE A 750 -11.54 -24.76 5.93
N LEU A 751 -12.85 -24.74 6.13
CA LEU A 751 -13.43 -24.59 7.48
C LEU A 751 -13.14 -25.77 8.40
N LYS A 752 -13.12 -26.98 7.83
CA LYS A 752 -12.76 -28.20 8.55
C LYS A 752 -11.33 -28.10 9.06
N GLY A 753 -10.42 -27.75 8.15
CA GLY A 753 -9.01 -27.57 8.47
C GLY A 753 -8.77 -26.57 9.59
N ILE A 754 -9.68 -25.61 9.73
CA ILE A 754 -9.52 -24.55 10.73
C ILE A 754 -10.19 -24.87 12.06
N PHE A 755 -11.38 -25.48 12.01
CA PHE A 755 -12.18 -25.66 13.21
C PHE A 755 -12.30 -27.11 13.72
N GLY A 756 -11.98 -28.07 12.85
CA GLY A 756 -12.08 -29.48 13.22
C GLY A 756 -12.88 -30.27 12.21
N SER A 757 -12.38 -31.46 11.87
CA SER A 757 -12.94 -32.29 10.81
C SER A 757 -14.38 -32.75 11.08
N SER A 758 -14.78 -32.74 12.35
CA SER A 758 -16.13 -33.10 12.73
C SER A 758 -16.88 -31.94 13.40
N ALA A 759 -16.21 -30.81 13.53
CA ALA A 759 -16.80 -29.61 14.12
C ALA A 759 -17.55 -28.75 13.10
N VAL A 760 -17.40 -29.09 11.82
CA VAL A 760 -18.05 -28.37 10.70
C VAL A 760 -19.15 -29.24 10.09
N PRO A 761 -20.43 -28.97 10.46
CA PRO A 761 -21.56 -29.75 9.95
C PRO A 761 -21.88 -29.45 8.48
N GLN A 762 -22.87 -30.15 7.93
CA GLN A 762 -23.34 -29.86 6.57
C GLN A 762 -24.24 -28.63 6.56
N PRO A 763 -23.97 -27.69 5.63
CA PRO A 763 -24.75 -26.46 5.53
C PRO A 763 -26.18 -26.72 5.07
N LYS A 764 -27.14 -26.17 5.80
CA LYS A 764 -28.56 -26.39 5.50
C LYS A 764 -29.00 -25.69 4.22
N GLU A 765 -28.55 -24.43 4.05
CA GLU A 765 -28.83 -23.64 2.85
C GLU A 765 -27.56 -23.00 2.30
N THR A 766 -27.40 -23.04 0.98
CA THR A 766 -26.22 -22.46 0.32
C THR A 766 -26.59 -21.61 -0.89
N VAL A 767 -25.95 -20.44 -1.01
CA VAL A 767 -26.11 -19.56 -2.16
C VAL A 767 -24.76 -19.06 -2.67
N VAL A 768 -24.61 -19.05 -3.98
CA VAL A 768 -23.38 -18.52 -4.60
C VAL A 768 -23.72 -17.48 -5.65
N SER A 769 -23.05 -16.32 -5.59
CA SER A 769 -23.27 -15.24 -6.54
C SER A 769 -22.43 -15.39 -7.81
N ARG A 770 -22.95 -14.85 -8.91
CA ARG A 770 -22.22 -14.77 -10.18
C ARG A 770 -22.51 -13.44 -10.88
N TRP A 771 -21.88 -12.39 -10.40
CA TRP A 771 -22.16 -11.05 -10.88
C TRP A 771 -21.71 -10.83 -12.30
N ARG A 772 -20.54 -11.33 -12.66
CA ARG A 772 -20.05 -11.16 -14.03
C ARG A 772 -20.97 -11.86 -15.02
N ALA A 773 -21.60 -12.95 -14.59
CA ALA A 773 -22.51 -13.70 -15.46
C ALA A 773 -23.90 -13.05 -15.50
N ASP A 774 -24.32 -12.46 -14.38
CA ASP A 774 -25.61 -11.77 -14.27
C ASP A 774 -25.75 -10.70 -15.35
N PRO A 775 -26.76 -10.86 -16.23
CA PRO A 775 -26.97 -9.98 -17.39
C PRO A 775 -27.40 -8.55 -17.04
N TRP A 776 -27.84 -8.33 -15.80
CA TRP A 776 -28.28 -7.01 -15.36
C TRP A 776 -27.26 -6.32 -14.49
N ALA A 777 -26.05 -6.85 -14.51
CA ALA A 777 -24.92 -6.26 -13.82
C ALA A 777 -23.67 -6.35 -14.69
N ARG A 778 -23.34 -7.57 -15.13
CA ARG A 778 -22.12 -7.85 -15.90
C ARG A 778 -20.84 -7.54 -15.12
N GLY A 779 -20.88 -7.82 -13.82
CA GLY A 779 -19.79 -7.48 -12.90
C GLY A 779 -20.33 -6.95 -11.59
N SER A 780 -19.44 -6.52 -10.70
CA SER A 780 -19.81 -6.13 -9.35
C SER A 780 -19.87 -4.62 -9.14
N TYR A 781 -18.74 -3.94 -9.18
CA TYR A 781 -18.68 -2.48 -9.20
C TYR A 781 -17.45 -1.99 -9.94
N SER A 782 -17.31 -0.67 -10.08
CA SER A 782 -16.24 -0.11 -10.90
C SER A 782 -14.92 0.00 -10.16
N TYR A 783 -13.86 0.15 -10.94
CA TYR A 783 -12.54 0.48 -10.41
C TYR A 783 -11.84 1.41 -11.40
N VAL A 784 -10.90 2.20 -10.90
CA VAL A 784 -10.11 3.05 -11.78
C VAL A 784 -9.12 2.14 -12.50
N ALA A 785 -9.39 1.82 -13.75
CA ALA A 785 -8.50 0.97 -14.54
C ALA A 785 -7.28 1.73 -14.99
N ALA A 786 -6.20 1.01 -15.25
CA ALA A 786 -4.98 1.62 -15.80
C ALA A 786 -5.30 2.26 -17.15
N GLY A 787 -4.95 3.54 -17.28
CA GLY A 787 -5.29 4.31 -18.47
C GLY A 787 -6.54 5.16 -18.26
N SER A 788 -7.25 4.90 -17.17
CA SER A 788 -8.40 5.72 -16.78
C SER A 788 -7.97 6.66 -15.66
N SER A 789 -8.88 7.56 -15.26
CA SER A 789 -8.68 8.44 -14.13
C SER A 789 -10.02 8.74 -13.47
N GLY A 790 -10.01 9.61 -12.47
CA GLY A 790 -11.25 10.00 -11.79
C GLY A 790 -12.09 10.87 -12.69
N ASN A 791 -11.42 11.48 -13.67
CA ASN A 791 -12.05 12.40 -14.61
C ASN A 791 -13.08 11.69 -15.48
N ASP A 792 -12.83 10.42 -15.78
CA ASP A 792 -13.75 9.61 -16.58
C ASP A 792 -15.12 9.48 -15.92
N TYR A 793 -15.12 9.36 -14.59
CA TYR A 793 -16.36 9.29 -13.81
C TYR A 793 -17.24 10.53 -14.03
N ASP A 794 -16.59 11.67 -14.21
CA ASP A 794 -17.27 12.92 -14.55
C ASP A 794 -17.86 12.87 -15.95
N LEU A 795 -17.08 12.38 -16.91
CA LEU A 795 -17.57 12.16 -18.27
C LEU A 795 -18.86 11.33 -18.28
N MET A 796 -18.87 10.25 -17.48
CA MET A 796 -20.06 9.42 -17.36
C MET A 796 -21.29 10.18 -16.90
N ALA A 797 -21.10 11.16 -16.02
CA ALA A 797 -22.24 11.92 -15.48
C ALA A 797 -22.80 12.98 -16.46
N GLN A 798 -21.99 13.40 -17.44
CA GLN A 798 -22.38 14.41 -18.43
C GLN A 798 -23.53 13.94 -19.32
N PRO A 799 -24.69 14.64 -19.27
CA PRO A 799 -25.84 14.28 -20.09
C PRO A 799 -25.62 14.50 -21.60
N ILE A 800 -26.47 13.87 -22.42
CA ILE A 800 -26.35 13.95 -23.87
C ILE A 800 -27.43 14.85 -24.46
N THR A 801 -27.00 15.82 -25.28
CA THR A 801 -27.91 16.72 -25.97
C THR A 801 -27.94 16.35 -27.45
N PRO A 802 -29.12 15.94 -27.95
CA PRO A 802 -29.28 15.51 -29.34
C PRO A 802 -29.02 16.64 -30.35
N GLY A 803 -28.81 16.28 -31.60
CA GLY A 803 -28.76 17.27 -32.69
C GLY A 803 -30.14 17.83 -32.96
N PRO A 804 -30.22 18.98 -33.67
CA PRO A 804 -31.53 19.58 -33.95
C PRO A 804 -32.32 18.76 -34.96
N SER A 805 -33.64 18.89 -34.93
CA SER A 805 -34.52 18.20 -35.88
C SER A 805 -34.36 18.80 -37.29
N ILE A 806 -34.91 19.99 -37.47
CA ILE A 806 -34.72 20.79 -38.68
C ILE A 806 -33.31 21.39 -38.60
N PRO A 807 -32.50 21.23 -39.67
CA PRO A 807 -31.16 21.81 -39.63
C PRO A 807 -31.21 23.34 -39.54
N GLY A 808 -30.35 23.92 -38.71
CA GLY A 808 -30.33 25.36 -38.49
C GLY A 808 -31.32 25.86 -37.45
N ALA A 809 -31.96 24.93 -36.74
CA ALA A 809 -32.83 25.26 -35.62
C ALA A 809 -31.97 25.35 -34.35
N PRO A 810 -32.48 26.03 -33.29
CA PRO A 810 -31.67 26.28 -32.09
C PRO A 810 -31.14 25.02 -31.41
N GLN A 811 -30.09 25.21 -30.59
CA GLN A 811 -29.52 24.14 -29.78
C GLN A 811 -30.57 23.54 -28.83
N PRO A 812 -30.77 22.21 -28.92
CA PRO A 812 -31.82 21.56 -28.13
C PRO A 812 -31.52 21.48 -26.63
N ILE A 813 -32.49 20.97 -25.90
CA ILE A 813 -32.36 20.64 -24.48
C ILE A 813 -31.54 19.35 -24.38
N PRO A 814 -30.78 19.18 -23.28
CA PRO A 814 -30.23 17.86 -22.94
C PRO A 814 -31.36 16.86 -22.63
N ARG A 815 -31.27 15.67 -23.23
CA ARG A 815 -32.36 14.68 -23.18
C ARG A 815 -32.03 13.40 -22.42
N LEU A 816 -30.77 12.97 -22.50
CA LEU A 816 -30.32 11.70 -21.92
C LEU A 816 -29.35 11.91 -20.77
N PHE A 817 -29.75 11.49 -19.57
CA PHE A 817 -29.01 11.73 -18.34
C PHE A 817 -28.51 10.42 -17.72
N PHE A 818 -27.36 10.47 -17.05
CA PHE A 818 -26.79 9.26 -16.44
C PHE A 818 -26.52 9.40 -14.96
N ALA A 819 -27.13 8.52 -14.18
CA ALA A 819 -26.78 8.34 -12.78
C ALA A 819 -26.17 6.97 -12.58
N GLY A 820 -25.71 6.70 -11.36
CA GLY A 820 -25.13 5.41 -11.05
C GLY A 820 -23.79 5.48 -10.36
N GLU A 821 -23.48 4.42 -9.62
CA GLU A 821 -22.21 4.23 -8.94
C GLU A 821 -20.99 4.59 -9.78
N HIS A 822 -21.06 4.36 -11.09
CA HIS A 822 -19.95 4.64 -11.99
C HIS A 822 -19.88 6.08 -12.47
N THR A 823 -20.77 6.93 -11.94
CA THR A 823 -20.84 8.34 -12.36
C THR A 823 -20.35 9.33 -11.31
N ILE A 824 -20.03 8.83 -10.12
CA ILE A 824 -19.73 9.70 -8.98
C ILE A 824 -18.27 9.60 -8.52
N ARG A 825 -17.43 10.34 -9.25
CA ARG A 825 -15.99 10.49 -9.00
C ARG A 825 -15.53 10.32 -7.54
N ASN A 826 -16.25 10.94 -6.61
CA ASN A 826 -15.83 10.99 -5.20
C ASN A 826 -16.36 9.89 -4.31
N TYR A 827 -17.30 9.09 -4.81
CA TYR A 827 -17.88 8.00 -4.02
C TYR A 827 -18.20 6.75 -4.84
N PRO A 828 -17.30 6.38 -5.78
CA PRO A 828 -17.65 5.26 -6.64
C PRO A 828 -17.79 3.94 -5.89
N ALA A 829 -18.37 2.95 -6.57
CA ALA A 829 -18.45 1.59 -6.06
C ALA A 829 -19.16 1.41 -4.71
N THR A 830 -20.06 2.33 -4.36
CA THR A 830 -20.77 2.24 -3.09
C THR A 830 -22.27 2.42 -3.27
N VAL A 831 -23.04 2.17 -2.20
CA VAL A 831 -24.45 2.50 -2.20
C VAL A 831 -24.63 4.02 -2.15
N HIS A 832 -24.13 4.65 -1.08
CA HIS A 832 -24.25 6.08 -0.92
C HIS A 832 -23.80 6.82 -2.16
N GLY A 833 -22.83 6.26 -2.86
CA GLY A 833 -22.36 6.84 -4.12
C GLY A 833 -23.48 6.88 -5.13
N ALA A 834 -24.09 5.72 -5.38
CA ALA A 834 -25.23 5.63 -6.27
C ALA A 834 -26.32 6.57 -5.78
N LEU A 835 -26.72 6.41 -4.51
CA LEU A 835 -27.69 7.29 -3.88
C LEU A 835 -27.45 8.74 -4.25
N LEU A 836 -26.24 9.23 -4.02
CA LEU A 836 -25.91 10.63 -4.31
C LEU A 836 -25.97 10.99 -5.80
N SER A 837 -25.59 10.05 -6.66
CA SER A 837 -25.65 10.27 -8.10
C SER A 837 -27.10 10.43 -8.55
N GLY A 838 -27.96 9.59 -7.99
CA GLY A 838 -29.41 9.70 -8.20
C GLY A 838 -29.89 11.07 -7.79
N LEU A 839 -29.62 11.47 -6.56
CA LEU A 839 -29.98 12.79 -6.06
C LEU A 839 -29.47 13.87 -7.02
N ARG A 840 -28.22 13.72 -7.45
CA ARG A 840 -27.57 14.67 -8.35
C ARG A 840 -28.36 14.86 -9.64
N GLU A 841 -28.62 13.76 -10.36
CA GLU A 841 -29.27 13.85 -11.66
C GLU A 841 -30.68 14.42 -11.59
N ALA A 842 -31.44 13.96 -10.59
CA ALA A 842 -32.78 14.49 -10.33
C ALA A 842 -32.76 16.02 -10.25
N GLY A 843 -31.85 16.57 -9.45
CA GLY A 843 -31.68 18.01 -9.38
C GLY A 843 -31.43 18.64 -10.73
N ARG A 844 -30.51 18.05 -11.50
CA ARG A 844 -30.14 18.57 -12.82
C ARG A 844 -31.30 18.49 -13.81
N ILE A 845 -32.03 17.38 -13.76
CA ILE A 845 -33.24 17.19 -14.58
C ILE A 845 -34.34 18.19 -14.20
N ALA A 846 -34.63 18.30 -12.91
CA ALA A 846 -35.63 19.24 -12.42
C ALA A 846 -35.30 20.68 -12.82
N ASP A 847 -34.04 21.08 -12.65
CA ASP A 847 -33.57 22.40 -13.07
C ASP A 847 -33.84 22.62 -14.56
N GLN A 848 -33.59 21.58 -15.35
CA GLN A 848 -33.74 21.63 -16.80
C GLN A 848 -35.18 21.80 -17.26
N PHE A 849 -36.10 21.11 -16.58
CA PHE A 849 -37.48 21.02 -17.07
C PHE A 849 -38.51 21.75 -16.24
N LEU A 850 -38.16 22.12 -15.02
CA LEU A 850 -39.07 22.88 -14.15
C LEU A 850 -38.51 24.26 -13.84
N GLY A 851 -37.30 24.53 -14.31
CA GLY A 851 -36.64 25.82 -14.11
C GLY A 851 -36.16 26.05 -12.69
N ALA A 852 -35.02 26.72 -12.56
CA ALA A 852 -34.45 27.06 -11.27
C ALA A 852 -34.89 28.47 -10.83
N MET A 853 -35.81 28.52 -9.87
CA MET A 853 -36.36 29.80 -9.39
C MET A 853 -35.38 30.51 -8.46
N TYR A 854 -34.44 29.74 -7.89
CA TYR A 854 -33.52 30.20 -6.83
C TYR A 854 -32.25 30.93 -7.32
N THR A 855 -32.28 31.46 -8.54
CA THR A 855 -31.12 32.16 -9.10
C THR A 855 -31.34 33.66 -9.42
N LEU A 856 -32.30 34.27 -8.72
CA LEU A 856 -32.49 35.73 -8.78
C LEU A 856 -31.62 36.43 -7.73
N ARG B 308 8.27 12.93 0.36
CA ARG B 308 9.68 13.43 0.21
C ARG B 308 10.68 12.29 0.03
N LYS B 309 10.53 11.25 0.86
CA LYS B 309 11.44 10.10 0.86
C LYS B 309 10.66 8.80 1.03
N PRO B 310 11.23 7.67 0.55
CA PRO B 310 10.54 6.38 0.66
C PRO B 310 10.29 6.00 2.11
N PRO B 311 9.22 5.23 2.40
CA PRO B 311 9.00 4.79 3.77
C PRO B 311 10.23 4.03 4.27
N LYS B 312 10.73 4.41 5.44
CA LYS B 312 11.99 3.87 5.96
C LYS B 312 12.01 2.35 5.97
N GLY B 313 13.06 1.78 5.39
CA GLY B 313 13.19 0.33 5.20
C GLY B 313 13.04 -0.07 3.74
N MET B 314 12.24 0.70 3.01
CA MET B 314 12.09 0.51 1.57
C MET B 314 13.19 1.27 0.85
N PHE B 315 13.82 0.62 -0.11
CA PHE B 315 14.92 1.24 -0.86
C PHE B 315 14.57 1.35 -2.34
N LEU B 316 14.36 2.57 -2.79
CA LEU B 316 13.91 2.84 -4.15
C LEU B 316 14.59 4.09 -4.69
N SER B 317 15.72 3.92 -5.37
CA SER B 317 16.37 5.04 -6.01
C SER B 317 15.89 5.16 -7.44
N GLN B 318 15.95 6.38 -7.98
CA GLN B 318 15.58 6.64 -9.36
C GLN B 318 16.29 5.69 -10.33
N GLU B 319 17.59 5.52 -10.11
CA GLU B 319 18.44 4.69 -10.95
C GLU B 319 18.00 3.22 -10.98
N ASP B 320 17.70 2.67 -9.80
CA ASP B 320 17.36 1.25 -9.65
C ASP B 320 16.01 0.89 -10.29
N VAL B 321 15.11 1.87 -10.31
CA VAL B 321 13.80 1.70 -10.95
C VAL B 321 14.00 1.47 -12.44
N GLU B 322 14.82 2.32 -13.06
CA GLU B 322 15.13 2.25 -14.48
C GLU B 322 15.87 0.97 -14.84
N ALA B 323 16.70 0.49 -13.91
CA ALA B 323 17.52 -0.69 -14.10
C ALA B 323 16.71 -2.00 -14.07
N VAL B 324 15.67 -2.02 -13.26
CA VAL B 324 14.84 -3.22 -13.09
C VAL B 324 13.69 -3.27 -14.12
N SER B 325 13.48 -2.14 -14.80
CA SER B 325 12.44 -2.03 -15.82
C SER B 325 13.00 -1.69 -17.21
N ALA B 326 14.23 -2.13 -17.48
CA ALA B 326 14.90 -1.87 -18.75
C ALA B 326 14.30 -2.69 -19.90
N ASN B 327 14.02 -3.97 -19.62
CA ASN B 327 13.35 -4.85 -20.58
C ASN B 327 12.40 -5.84 -19.89
N ALA B 328 12.09 -6.93 -20.58
CA ALA B 328 11.14 -7.95 -20.09
C ALA B 328 11.62 -8.61 -18.79
N THR B 329 12.84 -9.14 -18.81
CA THR B 329 13.41 -9.77 -17.61
C THR B 329 14.78 -9.18 -17.24
N ALA B 330 14.89 -7.85 -17.34
CA ALA B 330 16.03 -7.11 -16.81
C ALA B 330 16.00 -7.19 -15.28
N ALA B 331 14.83 -7.49 -14.74
CA ALA B 331 14.63 -7.69 -13.31
C ALA B 331 15.32 -8.96 -12.84
N THR B 332 15.12 -10.06 -13.58
CA THR B 332 15.69 -11.35 -13.24
C THR B 332 17.20 -11.40 -13.53
N THR B 333 17.61 -10.66 -14.55
CA THR B 333 19.02 -10.51 -14.91
C THR B 333 19.83 -9.94 -13.75
N VAL B 334 19.45 -8.73 -13.32
CA VAL B 334 20.10 -8.02 -12.22
C VAL B 334 20.15 -8.88 -10.94
N LEU B 335 19.04 -9.55 -10.62
CA LEU B 335 18.97 -10.40 -9.42
C LEU B 335 19.87 -11.64 -9.51
N ARG B 336 20.20 -12.07 -10.72
CA ARG B 336 21.11 -13.20 -10.92
C ARG B 336 22.58 -12.79 -10.92
N GLN B 337 22.90 -11.64 -11.52
CA GLN B 337 24.26 -11.09 -11.47
C GLN B 337 24.75 -10.98 -10.05
N LEU B 338 23.86 -10.61 -9.15
CA LEU B 338 24.16 -10.53 -7.73
C LEU B 338 24.19 -11.91 -7.08
N ASP B 339 23.32 -12.80 -7.54
CA ASP B 339 23.30 -14.19 -7.05
C ASP B 339 24.60 -14.93 -7.35
N MET B 340 25.16 -14.67 -8.53
CA MET B 340 26.45 -15.22 -8.92
C MET B 340 27.61 -14.51 -8.24
N GLU B 341 27.47 -13.20 -8.05
CA GLU B 341 28.45 -12.41 -7.31
C GLU B 341 28.58 -12.91 -5.87
N LEU B 342 27.45 -13.25 -5.27
CA LEU B 342 27.41 -13.74 -3.89
C LEU B 342 28.14 -15.08 -3.74
N VAL B 343 27.94 -15.98 -4.71
CA VAL B 343 28.63 -17.26 -4.73
C VAL B 343 30.14 -17.07 -4.91
N SER B 344 30.50 -16.24 -5.89
CA SER B 344 31.88 -15.89 -6.19
C SER B 344 32.64 -15.37 -4.96
N VAL B 345 32.02 -14.46 -4.23
CA VAL B 345 32.62 -13.88 -3.03
C VAL B 345 32.64 -14.90 -1.88
N LYS B 346 31.56 -15.68 -1.75
CA LYS B 346 31.42 -16.58 -0.62
C LYS B 346 32.43 -17.74 -0.63
N ARG B 347 32.79 -18.21 -1.81
CA ARG B 347 33.80 -19.26 -1.95
C ARG B 347 35.23 -18.70 -1.85
N GLN B 348 35.39 -17.44 -2.26
CA GLN B 348 36.65 -16.71 -2.08
C GLN B 348 36.94 -16.50 -0.60
N ILE B 349 35.88 -16.36 0.20
CA ILE B 349 36.00 -16.29 1.65
C ILE B 349 36.63 -17.57 2.19
N GLN B 350 36.06 -18.71 1.84
CA GLN B 350 36.53 -20.00 2.35
C GLN B 350 37.92 -20.36 1.81
N ASN B 351 38.24 -19.83 0.64
CA ASN B 351 39.55 -19.99 0.04
C ASN B 351 40.64 -19.33 0.89
N ILE B 352 40.43 -18.06 1.25
CA ILE B 352 41.38 -17.31 2.09
C ILE B 352 41.31 -17.76 3.55
N LYS B 353 40.14 -18.24 3.97
CA LYS B 353 39.96 -18.80 5.31
C LYS B 353 40.79 -20.08 5.45
N GLN B 354 40.88 -20.83 4.36
CA GLN B 354 41.70 -22.03 4.27
C GLN B 354 43.19 -21.67 4.22
N THR B 355 43.53 -20.67 3.42
CA THR B 355 44.91 -20.18 3.28
C THR B 355 45.45 -19.67 4.62
N ASN B 356 44.62 -18.89 5.33
CA ASN B 356 45.00 -18.36 6.64
C ASN B 356 45.10 -19.44 7.71
N SER B 357 44.23 -20.44 7.64
CA SER B 357 44.24 -21.55 8.59
C SER B 357 45.55 -22.34 8.52
N ALA B 358 46.10 -22.45 7.31
CA ALA B 358 47.39 -23.11 7.07
C ALA B 358 48.56 -22.28 7.61
N LEU B 359 48.52 -20.97 7.36
CA LEU B 359 49.54 -20.04 7.85
C LEU B 359 49.54 -19.89 9.36
N LYS B 360 48.43 -20.24 10.00
CA LYS B 360 48.32 -20.16 11.46
C LYS B 360 48.95 -21.38 12.14
N GLU B 361 48.90 -22.52 11.47
CA GLU B 361 49.52 -23.74 11.99
C GLU B 361 51.04 -23.67 11.87
N LYS B 362 51.53 -22.92 10.89
CA LYS B 362 52.97 -22.70 10.73
C LYS B 362 53.52 -21.71 11.75
N LEU B 363 52.63 -21.00 12.44
CA LEU B 363 53.02 -20.11 13.54
C LEU B 363 52.75 -20.75 14.90
N ASP B 364 52.64 -22.06 14.92
CA ASP B 364 52.25 -22.79 16.12
C ASP B 364 53.36 -22.82 17.18
N GLY B 365 53.00 -22.47 18.40
CA GLY B 365 53.95 -22.40 19.52
C GLY B 365 54.44 -20.99 19.79
N GLY B 366 54.15 -20.07 18.87
CA GLY B 366 54.64 -18.70 18.94
C GLY B 366 56.14 -18.64 18.75
N ILE B 367 56.78 -17.69 19.41
CA ILE B 367 58.24 -17.63 19.45
C ILE B 367 58.77 -17.89 20.87
N GLU B 368 58.13 -18.83 21.56
CA GLU B 368 58.49 -19.14 22.95
C GLU B 368 59.91 -19.72 23.11
N PRO B 369 60.27 -20.74 22.28
CA PRO B 369 61.62 -21.29 22.39
C PRO B 369 62.70 -20.38 21.81
N TYR B 370 62.44 -19.08 21.76
CA TYR B 370 63.36 -18.13 21.14
C TYR B 370 63.46 -16.82 21.93
N ARG B 371 62.90 -16.81 23.13
CA ARG B 371 62.94 -15.62 23.98
C ARG B 371 64.14 -15.61 24.91
N LEU B 372 64.81 -14.46 24.96
CA LEU B 372 65.97 -14.30 25.83
C LEU B 372 65.60 -13.42 27.02
N PRO B 373 65.62 -14.01 28.24
CA PRO B 373 65.24 -13.39 29.51
C PRO B 373 65.69 -11.92 29.68
N GLU B 374 64.91 -11.17 30.44
CA GLU B 374 65.13 -9.75 30.68
C GLU B 374 66.41 -9.48 31.49
N VAL B 375 67.26 -8.61 30.96
CA VAL B 375 68.50 -8.22 31.64
C VAL B 375 68.34 -6.82 32.24
N ILE B 376 67.62 -6.74 33.36
CA ILE B 376 67.38 -5.47 34.05
C ILE B 376 68.66 -5.03 34.77
N GLN B 377 69.45 -4.20 34.09
CA GLN B 377 70.72 -3.73 34.64
C GLN B 377 70.73 -2.23 34.85
N LYS B 378 71.45 -1.79 35.88
CA LYS B 378 71.49 -0.39 36.30
C LYS B 378 72.46 0.44 35.46
N CYS B 379 71.97 1.59 35.01
CA CYS B 379 72.72 2.48 34.13
C CYS B 379 73.92 3.11 34.84
N ASN B 380 75.08 3.06 34.18
CA ASN B 380 76.33 3.53 34.78
C ASN B 380 76.90 4.76 34.06
N ALA B 381 77.73 5.53 34.77
CA ALA B 381 78.29 6.78 34.25
C ALA B 381 79.69 6.60 33.63
N ARG B 382 80.50 5.74 34.24
CA ARG B 382 81.88 5.50 33.78
C ARG B 382 81.93 4.69 32.49
N TRP B 383 82.87 5.03 31.63
CA TRP B 383 83.12 4.28 30.40
C TRP B 383 84.32 3.38 30.56
N THR B 384 84.07 2.11 30.85
CA THR B 384 85.15 1.12 30.85
C THR B 384 85.63 0.94 29.41
N THR B 385 86.91 0.66 29.25
CA THR B 385 87.51 0.57 27.91
C THR B 385 86.85 -0.52 27.09
N GLU B 386 86.27 -1.51 27.78
CA GLU B 386 85.46 -2.53 27.16
C GLU B 386 84.23 -1.88 26.50
N GLU B 387 83.49 -1.10 27.29
CA GLU B 387 82.28 -0.43 26.82
C GLU B 387 82.57 0.53 25.68
N GLN B 388 83.72 1.19 25.74
CA GLN B 388 84.17 2.08 24.67
C GLN B 388 84.34 1.33 23.36
N LEU B 389 84.85 0.10 23.45
CA LEU B 389 85.12 -0.71 22.26
C LEU B 389 83.83 -1.32 21.69
N LEU B 390 82.92 -1.72 22.57
CA LEU B 390 81.58 -2.14 22.17
C LEU B 390 80.90 -1.02 21.37
N ALA B 391 81.08 0.21 21.85
CA ALA B 391 80.54 1.39 21.20
C ALA B 391 81.03 1.52 19.77
N VAL B 392 82.33 1.68 19.59
CA VAL B 392 82.92 1.85 18.25
C VAL B 392 82.41 0.80 17.27
N GLN B 393 82.17 -0.41 17.77
CA GLN B 393 81.66 -1.49 16.94
C GLN B 393 80.18 -1.35 16.66
N ALA B 394 79.42 -0.92 17.67
CA ALA B 394 77.99 -0.68 17.53
C ALA B 394 77.72 0.46 16.55
N ILE B 395 78.60 1.46 16.57
CA ILE B 395 78.55 2.57 15.61
C ILE B 395 78.77 2.04 14.20
N ARG B 396 79.79 1.20 14.04
CA ARG B 396 80.11 0.59 12.76
C ARG B 396 78.94 -0.24 12.22
N LYS B 397 78.16 -0.83 13.12
CA LYS B 397 77.08 -1.73 12.73
C LYS B 397 75.71 -1.07 12.66
N TYR B 398 75.48 -0.03 13.46
CA TYR B 398 74.13 0.56 13.57
C TYR B 398 74.01 2.03 13.13
N GLY B 399 75.13 2.72 12.99
CA GLY B 399 75.14 4.12 12.59
C GLY B 399 74.66 5.06 13.68
N ARG B 400 73.67 5.87 13.36
CA ARG B 400 73.16 6.89 14.29
C ARG B 400 72.03 6.41 15.19
N ASP B 401 71.66 5.13 15.06
CA ASP B 401 70.61 4.53 15.89
C ASP B 401 71.09 4.43 17.34
N PHE B 402 70.93 5.53 18.08
CA PHE B 402 71.45 5.64 19.45
C PHE B 402 70.77 4.65 20.40
N GLN B 403 69.53 4.30 20.11
CA GLN B 403 68.77 3.36 20.94
C GLN B 403 69.39 1.97 20.88
N ALA B 404 69.65 1.50 19.67
CA ALA B 404 70.29 0.21 19.45
C ALA B 404 71.62 0.13 20.19
N ILE B 405 72.50 1.09 19.93
CA ILE B 405 73.80 1.19 20.59
C ILE B 405 73.67 1.11 22.11
N SER B 406 72.71 1.85 22.67
CA SER B 406 72.44 1.84 24.10
C SER B 406 72.08 0.46 24.65
N ASP B 407 71.41 -0.35 23.82
CA ASP B 407 71.00 -1.69 24.21
C ASP B 407 72.16 -2.67 24.14
N VAL B 408 73.00 -2.53 23.11
CA VAL B 408 74.18 -3.38 22.92
C VAL B 408 75.14 -3.23 24.10
N ILE B 409 75.46 -1.98 24.44
CA ILE B 409 76.30 -1.69 25.59
C ILE B 409 75.58 -2.04 26.90
N GLY B 410 74.30 -1.68 26.98
CA GLY B 410 73.45 -2.13 28.08
C GLY B 410 73.38 -1.21 29.29
N ASN B 411 74.54 -0.76 29.76
CA ASN B 411 74.61 0.12 30.93
C ASN B 411 74.81 1.60 30.58
N LYS B 412 74.34 1.99 29.40
CA LYS B 412 74.43 3.38 28.97
C LYS B 412 73.08 3.90 28.49
N SER B 413 72.75 5.13 28.89
CA SER B 413 71.52 5.78 28.46
C SER B 413 71.70 6.36 27.05
N VAL B 414 70.57 6.57 26.38
CA VAL B 414 70.53 7.05 25.00
C VAL B 414 71.27 8.39 24.83
N VAL B 415 71.25 9.20 25.88
CA VAL B 415 71.93 10.50 25.88
C VAL B 415 73.46 10.33 26.04
N GLN B 416 73.87 9.42 26.93
CA GLN B 416 75.28 9.12 27.14
C GLN B 416 75.92 8.63 25.84
N VAL B 417 75.14 7.88 25.07
CA VAL B 417 75.54 7.43 23.74
C VAL B 417 75.80 8.63 22.83
N LYS B 418 74.89 9.61 22.88
CA LYS B 418 75.03 10.85 22.10
C LYS B 418 76.21 11.68 22.61
N ASN B 419 76.42 11.67 23.92
CA ASN B 419 77.56 12.34 24.55
C ASN B 419 78.86 11.80 24.00
N PHE B 420 79.01 10.47 24.11
CA PHE B 420 80.12 9.73 23.56
C PHE B 420 80.45 10.16 22.13
N PHE B 421 79.41 10.30 21.31
CA PHE B 421 79.53 10.70 19.90
C PHE B 421 80.26 12.02 19.68
N VAL B 422 80.36 12.83 20.74
CA VAL B 422 81.00 14.14 20.64
C VAL B 422 82.35 14.17 21.35
N ASN B 423 82.43 13.50 22.50
CA ASN B 423 83.64 13.47 23.31
C ASN B 423 84.77 12.68 22.65
N TYR B 424 84.47 11.41 22.37
CA TYR B 424 85.44 10.49 21.81
C TYR B 424 85.46 10.56 20.29
N ARG B 425 84.61 11.43 19.73
CA ARG B 425 84.59 11.75 18.31
C ARG B 425 86.00 12.03 17.79
N ARG B 426 86.79 12.70 18.62
CA ARG B 426 88.17 13.01 18.34
C ARG B 426 89.00 11.73 18.13
N ARG B 427 89.06 10.91 19.17
CA ARG B 427 90.02 9.80 19.28
C ARG B 427 89.58 8.51 18.60
N PHE B 428 88.28 8.34 18.38
CA PHE B 428 87.76 7.13 17.73
C PHE B 428 87.32 7.36 16.30
N ASN B 429 87.84 8.40 15.66
CA ASN B 429 87.56 8.73 14.26
C ASN B 429 86.13 8.42 13.81
N ILE B 430 85.16 8.80 14.65
CA ILE B 430 83.76 8.43 14.46
C ILE B 430 83.18 8.86 13.10
N ASP B 431 83.78 9.89 12.51
CA ASP B 431 83.44 10.30 11.14
C ASP B 431 83.73 9.18 10.15
N GLU B 432 84.96 8.65 10.21
CA GLU B 432 85.38 7.54 9.35
C GLU B 432 84.54 6.30 9.59
N VAL B 433 84.19 6.05 10.85
CA VAL B 433 83.37 4.91 11.23
C VAL B 433 81.95 5.02 10.66
N LEU B 434 81.38 6.22 10.69
CA LEU B 434 80.02 6.45 10.25
C LEU B 434 79.87 6.46 8.74
N GLN B 435 80.88 6.95 8.03
CA GLN B 435 80.87 7.00 6.56
C GLN B 435 80.99 5.61 5.93
N GLU B 436 81.60 4.68 6.67
CA GLU B 436 81.72 3.30 6.23
C GLU B 436 80.44 2.52 6.50
N TRP B 437 79.68 2.94 7.50
CA TRP B 437 78.36 2.38 7.77
C TRP B 437 77.38 2.74 6.68
N GLU B 438 77.53 3.95 6.15
CA GLU B 438 76.70 4.44 5.05
C GLU B 438 77.01 3.72 3.74
N ALA B 439 78.25 3.28 3.58
CA ALA B 439 78.69 2.55 2.40
C ALA B 439 78.11 1.12 2.32
N GLU B 440 77.08 0.85 3.11
CA GLU B 440 76.40 -0.45 3.11
C GLU B 440 74.92 -0.28 2.81
N PRO C 1 -12.51 0.44 -4.57
CA PRO C 1 -11.77 1.49 -3.89
C PRO C 1 -11.11 1.00 -2.59
N ARG C 2 -10.31 1.85 -1.97
CA ARG C 2 -9.60 1.51 -0.74
C ARG C 2 -10.54 1.30 0.46
N LEU C 3 -11.76 1.83 0.37
CA LEU C 3 -12.71 1.84 1.49
C LEU C 3 -13.02 0.45 2.06
N TYR C 4 -13.01 -0.57 1.19
CA TYR C 4 -13.46 -1.91 1.57
C TYR C 4 -12.41 -2.77 2.24
N LEU C 5 -11.14 -2.33 2.19
CA LEU C 5 -10.03 -3.06 2.81
C LEU C 5 -10.34 -3.50 4.24
N VAL C 6 -10.24 -4.81 4.45
CA VAL C 6 -10.51 -5.42 5.73
C VAL C 6 -9.34 -5.17 6.68
PA FAD D . -27.66 -1.12 -9.83
O1A FAD D . -27.10 -2.30 -10.59
O2A FAD D . -28.03 -1.22 -8.36
O5B FAD D . -28.99 -0.64 -10.63
C5B FAD D . -29.12 -0.79 -12.04
C4B FAD D . -30.46 -1.44 -12.36
O4B FAD D . -30.69 -1.47 -13.77
C3B FAD D . -30.51 -2.88 -11.89
O3B FAD D . -31.68 -3.03 -11.08
C2B FAD D . -30.60 -3.70 -13.16
O2B FAD D . -31.36 -4.89 -13.01
C1B FAD D . -31.26 -2.73 -14.10
N9A FAD D . -30.99 -3.02 -15.54
C8A FAD D . -29.84 -3.47 -16.08
N7A FAD D . -29.97 -3.61 -17.42
C5A FAD D . -31.23 -3.25 -17.75
C6A FAD D . -32.02 -3.14 -18.99
N6A FAD D . -31.47 -3.50 -20.17
N1A FAD D . -33.31 -2.71 -18.89
C2A FAD D . -33.87 -2.36 -17.70
N3A FAD D . -33.20 -2.43 -16.54
C4A FAD D . -31.90 -2.85 -16.50
N1 FAD D . -21.57 -0.75 -1.66
C2 FAD D . -21.44 -0.34 -0.36
O2 FAD D . -21.60 0.87 -0.08
N3 FAD D . -21.12 -1.19 0.64
C4 FAD D . -20.91 -2.50 0.43
O4 FAD D . -20.62 -3.28 1.36
C4X FAD D . -21.04 -3.02 -0.94
N5 FAD D . -20.85 -4.33 -1.20
C5X FAD D . -20.97 -4.81 -2.45
C6 FAD D . -20.75 -6.17 -2.65
C7 FAD D . -20.89 -6.71 -3.92
C7M FAD D . -20.65 -8.20 -4.12
C8 FAD D . -21.23 -5.81 -5.06
C8M FAD D . -21.37 -6.38 -6.45
C9 FAD D . -21.44 -4.45 -4.86
C9A FAD D . -21.32 -3.91 -3.58
N10 FAD D . -21.54 -2.52 -3.34
C10 FAD D . -21.39 -2.06 -2.00
C1' FAD D . -21.86 -1.59 -4.43
C2' FAD D . -23.33 -1.21 -4.56
O2' FAD D . -24.13 -2.38 -4.42
C3' FAD D . -23.57 -0.62 -5.94
O3' FAD D . -22.55 0.33 -6.27
C4' FAD D . -24.91 0.09 -6.07
O4' FAD D . -26.02 -0.75 -5.69
C5' FAD D . -25.09 0.49 -7.52
O5' FAD D . -26.36 1.09 -7.69
P FAD D . -26.79 1.53 -9.17
O1P FAD D . -25.74 2.46 -9.75
O2P FAD D . -28.23 2.00 -9.05
O3P FAD D . -26.68 0.15 -10.03
#